data_8BZ4
#
_entry.id   8BZ4
#
_cell.length_a   83.427
_cell.length_b   103.688
_cell.length_c   178.405
_cell.angle_alpha   90.000
_cell.angle_beta   90.000
_cell.angle_gamma   90.000
#
_symmetry.space_group_name_H-M   'P 21 21 21'
#
loop_
_entity.id
_entity.type
_entity.pdbx_description
1 polymer Glycosyltransferase
2 non-polymer 'CHLORIDE ION'
3 water water
#
_entity_poly.entity_id   1
_entity_poly.type   'polypeptide(L)'
_entity_poly.pdbx_seq_one_letter_code
;G(MSE)RNLKDRVLNSLKGNKKDIKISVVVPTYNTELEGLKNL(MSE)ASIDKQT(MSE)NPDEYELVFVDDGSTTDTYE
RLQEFAETRPN(MSE)TVKQIENSGWGSRPRNIATK(MSE)AKGEYILYLDHDDTVFPETFERVYNFGKENNLDVVSGKE
VRTNGWSWGWKQFSENNPHAEE(MSE)GIECLLP(MSE)TPHKFYKREFLLENDITFDDGARVLWEDVYFNSKAFIHGAK
VGILADYPTYYWIATGANNSSSFGRDPHEKWNQINKLFNFFKDNIKEQRDLDF(MSE)LTHWYRSRVLGILGQWLLKNNN
ERIDIEFNYAKKLAEELIPAYISENLDKNNQVKDYLLRQGDLDSLKKLAQIDAGITALSYVEDAYFKEDKLFFKTSTK
(MSE)TYEDKEDFFIEKTADR(MSE)ERILPEEIKSKLPKEFFDYSDDLAEFTYEPSIKGRNSRATWKIDGSTSNVEVVN
KKANLYKIEGE(MSE)SFSVQINDYILDAADKKQPWDIATRFTGLGYTSHRALTIGKILIKTALINNKT(MSE)IVYKNA
SGLISLDVGSSVRSIVEDSGVKREQILIDKTSGKVTIPLNEIHVFGESLIEGNAELKPVGISDADPINVKAKLIGEANKA
RVEVLLGDEKLSGEYHLVTNIQGKKDKQQIKITL
;
_entity_poly.pdbx_strand_id   A,B
#
loop_
_chem_comp.id
_chem_comp.type
_chem_comp.name
_chem_comp.formula
CL non-polymer 'CHLORIDE ION' 'Cl -1'
#
# COMPACT_ATOMS: atom_id res chain seq x y z
N ASP A 19 -29.95 29.40 -36.97
CA ASP A 19 -30.48 29.92 -35.72
C ASP A 19 -29.94 29.15 -34.53
N ILE A 20 -30.03 27.82 -34.59
CA ILE A 20 -29.61 26.94 -33.49
C ILE A 20 -28.22 26.39 -33.82
N LYS A 21 -27.28 26.61 -32.92
CA LYS A 21 -25.89 26.22 -33.14
C LYS A 21 -25.59 24.79 -32.70
N ILE A 22 -26.15 24.36 -31.58
CA ILE A 22 -25.85 23.06 -30.99
C ILE A 22 -27.14 22.38 -30.55
N SER A 23 -27.24 21.09 -30.82
CA SER A 23 -28.33 20.25 -30.35
C SER A 23 -27.77 19.19 -29.42
N VAL A 24 -28.31 19.10 -28.21
CA VAL A 24 -27.85 18.15 -27.20
C VAL A 24 -28.79 16.96 -27.21
N VAL A 25 -28.25 15.77 -27.46
CA VAL A 25 -29.02 14.55 -27.60
C VAL A 25 -28.80 13.71 -26.35
N VAL A 26 -29.85 13.52 -25.55
CA VAL A 26 -29.78 12.79 -24.30
C VAL A 26 -30.83 11.68 -24.25
N PRO A 27 -30.45 10.41 -24.42
CA PRO A 27 -31.41 9.32 -24.27
C PRO A 27 -31.69 9.03 -22.80
N THR A 28 -32.93 8.61 -22.53
CA THR A 28 -33.35 8.30 -21.17
C THR A 28 -34.12 6.99 -21.15
N TYR A 29 -34.13 6.35 -19.98
CA TYR A 29 -34.96 5.16 -19.75
C TYR A 29 -35.07 4.96 -18.25
N ASN A 30 -36.29 5.12 -17.72
CA ASN A 30 -36.54 5.04 -16.27
C ASN A 30 -35.60 5.98 -15.52
N THR A 31 -35.39 7.16 -16.08
CA THR A 31 -34.43 8.13 -15.55
C THR A 31 -35.17 9.12 -14.66
N GLU A 32 -34.86 9.08 -13.37
CA GLU A 32 -35.46 10.03 -12.44
C GLU A 32 -34.93 11.43 -12.69
N LEU A 33 -35.77 12.42 -12.39
CA LEU A 33 -35.37 13.82 -12.59
C LEU A 33 -34.20 14.20 -11.71
N GLU A 34 -34.11 13.61 -10.51
CA GLU A 34 -32.98 13.92 -9.61
C GLU A 34 -31.65 13.52 -10.23
N GLY A 35 -31.64 12.44 -11.01
CA GLY A 35 -30.42 12.03 -11.70
C GLY A 35 -30.01 12.96 -12.83
N LEU A 36 -30.89 13.88 -13.24
CA LEU A 36 -30.58 14.87 -14.27
C LEU A 36 -30.22 16.22 -13.68
N LYS A 37 -30.16 16.34 -12.35
CA LYS A 37 -29.91 17.63 -11.71
C LYS A 37 -28.55 18.19 -12.12
N ASN A 38 -27.50 17.37 -12.02
CA ASN A 38 -26.16 17.83 -12.34
C ASN A 38 -26.01 18.10 -13.83
N LEU A 39 -26.65 17.28 -14.68
CA LEU A 39 -26.58 17.50 -16.11
C LEU A 39 -27.23 18.82 -16.50
N MSE A 40 -28.48 19.04 -16.07
CA MSE A 40 -29.21 20.24 -16.42
C MSE A 40 -28.55 21.49 -15.85
O MSE A 40 -28.64 22.57 -16.45
CB MSE A 40 -30.65 20.13 -15.92
CG MSE A 40 -31.48 19.06 -16.63
SE MSE A 40 -31.59 19.42 -18.54
CE MSE A 40 -32.32 21.22 -18.45
N ALA A 41 -27.89 21.35 -14.71
CA ALA A 41 -27.17 22.48 -14.13
C ALA A 41 -25.96 22.86 -14.96
N SER A 42 -25.29 21.86 -15.56
CA SER A 42 -24.11 22.17 -16.37
C SER A 42 -24.51 22.75 -17.72
N ILE A 43 -25.72 22.45 -18.19
CA ILE A 43 -26.21 23.08 -19.41
C ILE A 43 -26.63 24.52 -19.13
N ASP A 44 -27.30 24.76 -17.99
CA ASP A 44 -27.69 26.11 -17.63
C ASP A 44 -26.49 27.02 -17.45
N LYS A 45 -25.37 26.49 -17.01
CA LYS A 45 -24.15 27.26 -16.78
C LYS A 45 -23.38 27.57 -18.06
N GLN A 46 -23.88 27.16 -19.23
CA GLN A 46 -23.19 27.45 -20.47
C GLN A 46 -23.17 28.94 -20.75
N THR A 47 -22.01 29.43 -21.22
CA THR A 47 -21.90 30.84 -21.58
C THR A 47 -22.67 31.18 -22.84
N MSE A 48 -22.97 30.20 -23.69
CA MSE A 48 -23.76 30.42 -24.89
C MSE A 48 -25.20 30.74 -24.53
O MSE A 48 -25.74 30.19 -23.58
CB MSE A 48 -23.69 29.19 -25.81
CG MSE A 48 -24.60 29.28 -27.03
SE MSE A 48 -24.44 27.74 -28.20
CE MSE A 48 -22.66 28.11 -28.92
N ASN A 49 -25.80 31.65 -25.30
CA ASN A 49 -27.18 32.04 -25.05
C ASN A 49 -28.10 30.83 -25.16
N PRO A 50 -29.04 30.65 -24.23
CA PRO A 50 -29.91 29.46 -24.29
C PRO A 50 -30.72 29.34 -25.57
N ASP A 51 -31.07 30.46 -26.21
CA ASP A 51 -31.84 30.38 -27.45
C ASP A 51 -30.98 30.04 -28.66
N GLU A 52 -29.68 29.82 -28.47
CA GLU A 52 -28.80 29.40 -29.55
C GLU A 52 -28.48 27.91 -29.52
N TYR A 53 -29.02 27.17 -28.55
CA TYR A 53 -28.90 25.72 -28.54
C TYR A 53 -30.24 25.12 -28.12
N GLU A 54 -30.35 23.81 -28.30
CA GLU A 54 -31.57 23.08 -27.97
C GLU A 54 -31.22 21.76 -27.31
N LEU A 55 -32.19 21.24 -26.56
CA LEU A 55 -32.07 19.96 -25.88
C LEU A 55 -33.13 19.02 -26.45
N VAL A 56 -32.70 17.84 -26.88
CA VAL A 56 -33.60 16.82 -27.45
C VAL A 56 -33.42 15.55 -26.64
N PHE A 57 -34.37 15.28 -25.75
CA PHE A 57 -34.40 14.05 -24.96
C PHE A 57 -35.32 13.04 -25.63
N VAL A 58 -34.86 11.80 -25.78
CA VAL A 58 -35.67 10.73 -26.34
C VAL A 58 -35.69 9.58 -25.34
N ASP A 59 -36.89 9.27 -24.85
CA ASP A 59 -37.08 8.22 -23.86
C ASP A 59 -37.30 6.88 -24.54
N ASP A 60 -36.62 5.85 -24.06
CA ASP A 60 -36.69 4.52 -24.68
C ASP A 60 -37.86 3.70 -24.12
N GLY A 61 -39.05 4.29 -24.11
CA GLY A 61 -40.24 3.61 -23.64
C GLY A 61 -40.13 3.17 -22.19
N SER A 62 -40.07 4.14 -21.28
CA SER A 62 -39.95 3.83 -19.86
C SER A 62 -41.16 3.04 -19.36
N THR A 63 -40.88 1.99 -18.60
CA THR A 63 -41.95 1.20 -17.98
C THR A 63 -42.47 1.84 -16.70
N THR A 64 -41.68 2.68 -16.05
CA THR A 64 -42.10 3.35 -14.83
C THR A 64 -42.78 4.68 -15.20
N ASP A 65 -42.95 5.58 -14.23
CA ASP A 65 -43.63 6.85 -14.44
C ASP A 65 -42.67 8.03 -14.53
N THR A 66 -41.46 7.80 -15.04
CA THR A 66 -40.45 8.86 -15.10
C THR A 66 -40.60 9.75 -16.33
N TYR A 67 -41.20 9.25 -17.40
CA TYR A 67 -41.35 10.06 -18.61
C TYR A 67 -42.33 11.19 -18.40
N GLU A 68 -43.35 10.99 -17.57
CA GLU A 68 -44.31 12.05 -17.27
C GLU A 68 -43.64 13.22 -16.57
N ARG A 69 -42.80 12.93 -15.58
CA ARG A 69 -42.10 13.99 -14.83
C ARG A 69 -41.15 14.73 -15.76
N LEU A 70 -40.49 14.04 -16.69
CA LEU A 70 -39.58 14.70 -17.62
C LEU A 70 -40.34 15.58 -18.60
N GLN A 71 -41.51 15.13 -19.05
CA GLN A 71 -42.29 15.91 -20.01
C GLN A 71 -42.81 17.19 -19.36
N GLU A 72 -43.25 17.10 -18.10
CA GLU A 72 -43.68 18.29 -17.37
C GLU A 72 -42.51 19.23 -17.13
N PHE A 73 -41.32 18.69 -16.89
CA PHE A 73 -40.13 19.50 -16.66
C PHE A 73 -39.79 20.32 -17.91
N ALA A 74 -39.92 19.72 -19.10
CA ALA A 74 -39.58 20.41 -20.33
C ALA A 74 -40.57 21.52 -20.68
N GLU A 75 -41.76 21.55 -20.07
CA GLU A 75 -42.74 22.54 -20.46
C GLU A 75 -42.31 23.95 -20.08
N THR A 76 -41.45 24.09 -19.09
CA THR A 76 -40.96 25.39 -18.64
C THR A 76 -39.71 25.83 -19.39
N ARG A 77 -39.18 25.02 -20.29
CA ARG A 77 -37.94 25.31 -21.01
C ARG A 77 -38.20 25.22 -22.51
N PRO A 78 -38.33 26.36 -23.19
CA PRO A 78 -38.71 26.33 -24.62
C PRO A 78 -37.70 25.64 -25.51
N ASN A 79 -36.41 25.66 -25.16
CA ASN A 79 -35.39 25.04 -25.99
C ASN A 79 -35.19 23.57 -25.68
N MSE A 80 -36.09 22.98 -24.91
CA MSE A 80 -36.03 21.55 -24.56
C MSE A 80 -37.25 20.80 -25.05
O MSE A 80 -38.38 21.13 -24.68
CB MSE A 80 -35.88 21.38 -23.05
CG MSE A 80 -35.89 19.94 -22.59
SE MSE A 80 -35.57 19.82 -20.68
CE MSE A 80 -35.71 17.88 -20.48
N THR A 81 -37.01 19.77 -25.86
CA THR A 81 -38.07 18.92 -26.40
C THR A 81 -37.81 17.48 -25.97
N VAL A 82 -38.86 16.80 -25.52
CA VAL A 82 -38.78 15.41 -25.10
C VAL A 82 -39.75 14.58 -25.94
N LYS A 83 -39.34 13.36 -26.27
CA LYS A 83 -40.17 12.42 -27.02
C LYS A 83 -39.92 11.02 -26.50
N GLN A 84 -40.94 10.17 -26.56
CA GLN A 84 -40.82 8.77 -26.21
C GLN A 84 -41.10 7.90 -27.43
N ILE A 85 -40.28 6.88 -27.61
CA ILE A 85 -40.48 5.91 -28.69
C ILE A 85 -40.78 4.55 -28.05
N GLU A 86 -41.09 3.56 -28.88
CA GLU A 86 -41.24 2.20 -28.37
C GLU A 86 -39.90 1.70 -27.86
N ASN A 87 -39.94 0.92 -26.78
CA ASN A 87 -38.72 0.48 -26.12
C ASN A 87 -37.85 -0.33 -27.06
N SER A 88 -36.54 -0.02 -27.08
CA SER A 88 -35.58 -0.72 -27.91
C SER A 88 -34.48 -1.42 -27.11
N GLY A 89 -34.41 -1.20 -25.80
CA GLY A 89 -33.40 -1.84 -24.98
C GLY A 89 -31.99 -1.37 -25.27
N TRP A 90 -31.84 -0.16 -25.81
CA TRP A 90 -30.54 0.36 -26.22
C TRP A 90 -30.73 1.84 -26.52
N GLY A 91 -29.65 2.60 -26.36
CA GLY A 91 -29.67 4.03 -26.61
C GLY A 91 -29.38 4.45 -28.03
N SER A 92 -29.17 3.49 -28.93
CA SER A 92 -28.82 3.85 -30.31
C SER A 92 -30.03 4.38 -31.07
N ARG A 93 -31.17 3.70 -30.98
CA ARG A 93 -32.38 4.21 -31.62
C ARG A 93 -32.81 5.56 -31.04
N PRO A 94 -32.82 5.77 -29.71
CA PRO A 94 -33.07 7.14 -29.22
C PRO A 94 -32.10 8.17 -29.77
N ARG A 95 -30.82 7.82 -29.91
CA ARG A 95 -29.85 8.77 -30.46
C ARG A 95 -30.17 9.09 -31.92
N ASN A 96 -30.56 8.08 -32.70
CA ASN A 96 -30.89 8.33 -34.11
C ASN A 96 -32.18 9.13 -34.25
N ILE A 97 -33.20 8.81 -33.46
CA ILE A 97 -34.47 9.54 -33.52
C ILE A 97 -34.23 11.02 -33.20
N ALA A 98 -33.45 11.30 -32.15
CA ALA A 98 -33.15 12.67 -31.78
C ALA A 98 -32.31 13.38 -32.84
N THR A 99 -31.42 12.64 -33.51
CA THR A 99 -30.58 13.25 -34.53
C THR A 99 -31.41 13.77 -35.69
N LYS A 100 -32.46 13.05 -36.08
CA LYS A 100 -33.34 13.50 -37.14
C LYS A 100 -34.37 14.53 -36.66
N MSE A 101 -34.48 14.75 -35.36
CA MSE A 101 -35.35 15.80 -34.81
C MSE A 101 -34.59 17.11 -34.64
O MSE A 101 -35.19 18.18 -34.63
CB MSE A 101 -35.92 15.37 -33.46
CG MSE A 101 -36.91 14.23 -33.50
SE MSE A 101 -37.40 13.70 -31.69
CE MSE A 101 -37.96 15.43 -31.01
N ALA A 102 -33.28 17.00 -34.51
CA ALA A 102 -32.44 18.14 -34.15
C ALA A 102 -32.40 19.17 -35.28
N LYS A 103 -32.25 20.44 -34.89
CA LYS A 103 -32.12 21.54 -35.84
C LYS A 103 -30.75 22.20 -35.81
N GLY A 104 -29.92 21.89 -34.83
CA GLY A 104 -28.67 22.60 -34.66
C GLY A 104 -27.66 22.25 -35.74
N GLU A 105 -26.64 23.11 -35.84
CA GLU A 105 -25.57 22.88 -36.81
C GLU A 105 -24.66 21.75 -36.36
N TYR A 106 -24.43 21.64 -35.05
CA TYR A 106 -23.64 20.55 -34.48
C TYR A 106 -24.48 19.76 -33.48
N ILE A 107 -24.12 18.50 -33.30
CA ILE A 107 -24.83 17.60 -32.39
C ILE A 107 -23.84 17.05 -31.37
N LEU A 108 -24.18 17.18 -30.09
CA LEU A 108 -23.44 16.57 -29.00
C LEU A 108 -24.27 15.43 -28.42
N TYR A 109 -23.66 14.25 -28.29
CA TYR A 109 -24.31 13.12 -27.66
C TYR A 109 -23.92 13.12 -26.18
N LEU A 110 -24.79 13.66 -25.34
CA LEU A 110 -24.53 13.80 -23.91
C LEU A 110 -25.31 12.75 -23.13
N ASP A 111 -24.60 11.85 -22.44
CA ASP A 111 -25.26 10.81 -21.66
C ASP A 111 -25.67 11.38 -20.30
N HIS A 112 -26.79 10.87 -19.78
CA HIS A 112 -27.45 11.52 -18.65
C HIS A 112 -26.62 11.47 -17.37
N ASP A 113 -25.68 10.52 -17.25
CA ASP A 113 -24.80 10.48 -16.09
C ASP A 113 -23.67 11.50 -16.18
N ASP A 114 -23.50 12.17 -17.32
CA ASP A 114 -22.35 13.04 -17.54
C ASP A 114 -22.74 14.51 -17.47
N THR A 115 -21.73 15.35 -17.34
CA THR A 115 -21.90 16.80 -17.33
C THR A 115 -20.99 17.41 -18.37
N VAL A 116 -21.18 18.71 -18.62
CA VAL A 116 -20.31 19.44 -19.57
C VAL A 116 -19.78 20.68 -18.87
N PHE A 117 -18.66 21.22 -19.36
CA PHE A 117 -18.02 22.37 -18.72
C PHE A 117 -18.61 23.68 -19.24
N PRO A 118 -18.58 24.74 -18.42
CA PRO A 118 -19.43 25.92 -18.72
C PRO A 118 -19.12 26.61 -20.03
N GLU A 119 -17.88 26.58 -20.53
CA GLU A 119 -17.54 27.25 -21.77
C GLU A 119 -17.43 26.29 -22.95
N THR A 120 -17.95 25.07 -22.82
CA THR A 120 -17.81 24.07 -23.88
C THR A 120 -18.53 24.52 -25.15
N PHE A 121 -19.80 24.91 -25.03
CA PHE A 121 -20.59 25.23 -26.21
C PHE A 121 -20.00 26.42 -26.96
N GLU A 122 -19.58 27.46 -26.24
CA GLU A 122 -19.02 28.64 -26.88
C GLU A 122 -17.71 28.32 -27.59
N ARG A 123 -16.79 27.65 -26.88
CA ARG A 123 -15.46 27.39 -27.45
C ARG A 123 -15.53 26.39 -28.60
N VAL A 124 -16.29 25.31 -28.42
CA VAL A 124 -16.33 24.25 -29.44
C VAL A 124 -16.98 24.78 -30.71
N TYR A 125 -18.09 25.51 -30.60
CA TYR A 125 -18.77 25.99 -31.79
C TYR A 125 -17.92 27.00 -32.55
N ASN A 126 -17.28 27.92 -31.84
CA ASN A 126 -16.40 28.88 -32.49
C ASN A 126 -15.25 28.16 -33.20
N PHE A 127 -14.72 27.12 -32.58
CA PHE A 127 -13.63 26.35 -33.18
C PHE A 127 -14.11 25.62 -34.43
N GLY A 128 -15.30 25.03 -34.39
CA GLY A 128 -15.81 24.28 -35.53
C GLY A 128 -16.28 25.19 -36.65
N LYS A 129 -16.97 26.28 -36.31
CA LYS A 129 -17.50 27.16 -37.34
C LYS A 129 -16.39 27.93 -38.06
N GLU A 130 -15.39 28.40 -37.31
CA GLU A 130 -14.30 29.14 -37.93
C GLU A 130 -13.37 28.24 -38.74
N ASN A 131 -13.44 26.92 -38.58
CA ASN A 131 -12.63 26.00 -39.35
C ASN A 131 -13.45 25.04 -40.19
N ASN A 132 -14.78 25.19 -40.24
CA ASN A 132 -15.66 24.39 -41.08
C ASN A 132 -15.48 22.89 -40.82
N LEU A 133 -15.45 22.53 -39.54
CA LEU A 133 -15.19 21.16 -39.12
C LEU A 133 -16.47 20.34 -39.13
N ASP A 134 -16.34 19.08 -39.53
CA ASP A 134 -17.43 18.11 -39.42
C ASP A 134 -17.43 17.41 -38.08
N VAL A 135 -16.27 17.27 -37.44
CA VAL A 135 -16.16 16.68 -36.12
C VAL A 135 -15.19 17.52 -35.30
N VAL A 136 -15.64 17.97 -34.13
CA VAL A 136 -14.77 18.63 -33.15
C VAL A 136 -14.55 17.62 -32.03
N SER A 137 -13.36 17.02 -32.01
CA SER A 137 -13.00 16.08 -30.94
C SER A 137 -12.44 16.90 -29.78
N GLY A 138 -13.34 17.30 -28.88
CA GLY A 138 -12.92 18.12 -27.75
C GLY A 138 -12.34 17.30 -26.62
N LYS A 139 -11.49 17.94 -25.83
CA LYS A 139 -10.83 17.27 -24.71
C LYS A 139 -11.87 16.69 -23.76
N GLU A 140 -11.78 15.39 -23.50
CA GLU A 140 -12.70 14.69 -22.63
C GLU A 140 -12.01 14.31 -21.33
N VAL A 141 -12.79 14.34 -20.24
CA VAL A 141 -12.29 14.09 -18.89
C VAL A 141 -13.04 12.91 -18.30
N ARG A 142 -12.32 12.03 -17.61
CA ARG A 142 -12.91 10.91 -16.90
C ARG A 142 -12.61 11.01 -15.42
N THR A 143 -13.37 10.26 -14.62
CA THR A 143 -13.23 10.34 -13.17
C THR A 143 -11.91 9.74 -12.70
N ASN A 144 -11.52 8.60 -13.25
CA ASN A 144 -10.36 7.86 -12.81
C ASN A 144 -9.25 7.92 -13.85
N GLY A 145 -8.04 7.61 -13.40
CA GLY A 145 -6.87 7.60 -14.26
C GLY A 145 -6.10 8.90 -14.20
N TRP A 146 -4.85 8.83 -14.64
CA TRP A 146 -3.98 10.01 -14.68
C TRP A 146 -3.91 10.63 -16.06
N SER A 147 -4.67 10.14 -17.02
CA SER A 147 -4.71 10.72 -18.36
C SER A 147 -5.89 10.16 -19.12
N TRP A 148 -6.36 10.95 -20.09
CA TRP A 148 -7.33 10.46 -21.07
C TRP A 148 -7.04 11.19 -22.37
N GLY A 149 -6.81 10.44 -23.44
CA GLY A 149 -6.40 11.05 -24.69
C GLY A 149 -5.07 11.75 -24.58
N TRP A 150 -4.14 11.17 -23.81
CA TRP A 150 -2.82 11.76 -23.63
C TRP A 150 -2.15 12.06 -24.96
N LYS A 151 -2.33 11.18 -25.94
CA LYS A 151 -1.66 11.35 -27.23
C LYS A 151 -2.34 12.43 -28.08
N GLN A 152 -3.67 12.34 -28.22
CA GLN A 152 -4.43 13.22 -29.11
C GLN A 152 -4.77 14.57 -28.49
N PHE A 153 -5.07 14.62 -27.18
CA PHE A 153 -5.42 15.89 -26.55
C PHE A 153 -4.17 16.61 -26.05
N SER A 154 -3.29 16.93 -27.00
CA SER A 154 -2.04 17.62 -26.71
C SER A 154 -2.12 19.10 -27.06
N GLU A 155 -2.43 19.41 -28.32
CA GLU A 155 -2.56 20.80 -28.75
C GLU A 155 -3.69 20.89 -29.77
N ASN A 156 -4.26 22.09 -29.89
CA ASN A 156 -5.34 22.32 -30.84
C ASN A 156 -4.85 22.07 -32.26
N ASN A 157 -5.73 21.47 -33.08
CA ASN A 157 -5.39 21.11 -34.44
C ASN A 157 -6.64 21.22 -35.30
N PRO A 158 -6.79 22.30 -36.07
CA PRO A 158 -7.98 22.42 -36.94
C PRO A 158 -7.93 21.53 -38.18
N HIS A 159 -6.80 20.91 -38.48
CA HIS A 159 -6.70 20.00 -39.61
C HIS A 159 -6.24 18.63 -39.12
N ALA A 160 -6.92 18.10 -38.10
CA ALA A 160 -6.44 16.90 -37.42
C ALA A 160 -6.54 15.66 -38.31
N GLU A 161 -7.45 15.64 -39.27
CA GLU A 161 -7.60 14.45 -40.10
C GLU A 161 -6.36 14.18 -40.95
N GLU A 162 -5.43 15.13 -41.04
CA GLU A 162 -4.20 14.90 -41.78
C GLU A 162 -3.30 13.87 -41.10
N MSE A 163 -3.51 13.61 -39.81
CA MSE A 163 -2.69 12.64 -39.10
C MSE A 163 -3.28 11.23 -39.22
O MSE A 163 -2.73 10.26 -38.68
CB MSE A 163 -2.56 13.03 -37.61
CG MSE A 163 -3.82 12.78 -36.80
SE MSE A 163 -3.68 13.34 -34.93
CE MSE A 163 -2.87 11.73 -34.17
N GLY A 164 -4.40 11.13 -39.93
CA GLY A 164 -5.05 9.85 -40.12
C GLY A 164 -6.19 9.65 -39.14
N ILE A 165 -6.79 8.45 -39.23
CA ILE A 165 -7.97 8.13 -38.44
C ILE A 165 -7.67 8.17 -36.95
N GLU A 166 -6.39 8.18 -36.56
CA GLU A 166 -6.02 8.27 -35.16
C GLU A 166 -6.52 9.54 -34.50
N CYS A 167 -6.80 10.59 -35.27
CA CYS A 167 -7.20 11.87 -34.71
C CYS A 167 -8.52 11.78 -33.95
N LEU A 168 -9.34 10.77 -34.22
CA LEU A 168 -10.62 10.63 -33.54
C LEU A 168 -10.54 9.83 -32.25
N LEU A 169 -9.39 9.22 -31.96
CA LEU A 169 -9.23 8.53 -30.69
C LEU A 169 -9.01 9.52 -29.55
N PRO A 170 -9.47 9.20 -28.33
CA PRO A 170 -10.31 8.04 -28.01
C PRO A 170 -11.72 8.19 -28.57
N MSE A 171 -12.20 7.14 -29.21
CA MSE A 171 -13.45 7.21 -29.97
C MSE A 171 -14.71 7.08 -29.11
O MSE A 171 -15.50 6.15 -29.30
CB MSE A 171 -13.45 6.14 -31.06
CG MSE A 171 -12.55 6.48 -32.25
SE MSE A 171 -12.56 5.11 -33.64
CE MSE A 171 -11.65 6.11 -35.05
N THR A 172 -14.88 8.00 -28.18
CA THR A 172 -16.15 8.15 -27.50
C THR A 172 -17.12 8.92 -28.39
N PRO A 173 -18.43 8.82 -28.15
CA PRO A 173 -19.38 9.61 -28.94
C PRO A 173 -19.52 11.04 -28.45
N HIS A 174 -18.77 11.42 -27.42
CA HIS A 174 -18.90 12.73 -26.78
C HIS A 174 -18.20 13.84 -27.55
N LYS A 175 -18.30 13.82 -28.87
CA LYS A 175 -17.77 14.86 -29.75
C LYS A 175 -18.93 15.65 -30.33
N PHE A 176 -18.60 16.70 -31.07
CA PHE A 176 -19.58 17.53 -31.74
C PHE A 176 -19.53 17.23 -33.24
N TYR A 177 -20.61 16.65 -33.76
CA TYR A 177 -20.70 16.24 -35.15
C TYR A 177 -21.60 17.20 -35.90
N LYS A 178 -21.16 17.62 -37.09
CA LYS A 178 -21.99 18.46 -37.94
C LYS A 178 -23.22 17.68 -38.40
N ARG A 179 -24.40 18.27 -38.18
CA ARG A 179 -25.64 17.52 -38.39
C ARG A 179 -25.86 17.16 -39.85
N GLU A 180 -25.69 18.14 -40.75
N GLU A 180 -25.68 18.14 -40.76
CA GLU A 180 -25.89 17.87 -42.17
CA GLU A 180 -25.89 17.87 -42.17
C GLU A 180 -24.86 16.91 -42.74
C GLU A 180 -24.88 16.86 -42.71
N PHE A 181 -23.70 16.79 -42.11
CA PHE A 181 -22.70 15.82 -42.56
C PHE A 181 -23.14 14.40 -42.23
N LEU A 182 -23.77 14.20 -41.06
CA LEU A 182 -24.28 12.89 -40.69
C LEU A 182 -25.44 12.48 -41.60
N LEU A 183 -26.33 13.43 -41.92
CA LEU A 183 -27.47 13.11 -42.78
C LEU A 183 -27.03 12.78 -44.19
N GLU A 184 -26.13 13.59 -44.76
CA GLU A 184 -25.74 13.40 -46.15
C GLU A 184 -25.05 12.04 -46.35
N ASN A 185 -24.27 11.61 -45.35
CA ASN A 185 -23.57 10.34 -45.42
C ASN A 185 -24.29 9.22 -44.69
N ASP A 186 -25.48 9.49 -44.16
CA ASP A 186 -26.30 8.49 -43.46
C ASP A 186 -25.50 7.76 -42.38
N ILE A 187 -24.81 8.53 -41.56
CA ILE A 187 -24.02 7.99 -40.46
C ILE A 187 -24.93 7.93 -39.23
N THR A 188 -25.30 6.71 -38.82
CA THR A 188 -26.18 6.50 -37.68
C THR A 188 -25.57 5.44 -36.77
N PHE A 189 -26.18 5.28 -35.59
CA PHE A 189 -25.79 4.21 -34.69
C PHE A 189 -26.51 2.92 -35.07
N ASP A 190 -25.87 1.79 -34.79
CA ASP A 190 -26.45 0.49 -35.12
C ASP A 190 -27.78 0.31 -34.38
N ASP A 191 -28.82 -0.03 -35.13
CA ASP A 191 -30.17 -0.07 -34.58
C ASP A 191 -30.63 -1.46 -34.21
N GLY A 192 -30.10 -2.50 -34.85
CA GLY A 192 -30.57 -3.85 -34.61
C GLY A 192 -30.05 -4.46 -33.32
N ALA A 193 -29.33 -5.57 -33.44
CA ALA A 193 -28.77 -6.23 -32.26
C ALA A 193 -27.74 -5.34 -31.59
N ARG A 194 -27.56 -5.56 -30.28
CA ARG A 194 -26.59 -4.78 -29.53
C ARG A 194 -25.18 -5.12 -29.99
N VAL A 195 -24.32 -4.10 -30.02
CA VAL A 195 -22.96 -4.23 -30.55
C VAL A 195 -21.98 -3.64 -29.54
N LEU A 196 -20.88 -4.35 -29.30
CA LEU A 196 -19.80 -3.82 -28.50
C LEU A 196 -18.95 -2.86 -29.32
N TRP A 197 -18.42 -1.84 -28.64
CA TRP A 197 -17.62 -0.79 -29.27
C TRP A 197 -18.39 -0.09 -30.39
N GLU A 198 -19.68 0.18 -30.13
CA GLU A 198 -20.54 0.79 -31.14
C GLU A 198 -20.01 2.17 -31.54
N ASP A 199 -19.47 2.92 -30.59
CA ASP A 199 -18.92 4.23 -30.88
C ASP A 199 -17.69 4.17 -31.76
N VAL A 200 -17.00 3.02 -31.81
CA VAL A 200 -15.89 2.88 -32.74
C VAL A 200 -16.40 2.79 -34.17
N TYR A 201 -17.51 2.07 -34.38
CA TYR A 201 -18.14 2.05 -35.70
C TYR A 201 -18.59 3.44 -36.12
N PHE A 202 -19.16 4.21 -35.18
CA PHE A 202 -19.71 5.52 -35.52
C PHE A 202 -18.61 6.49 -35.94
N ASN A 203 -17.55 6.60 -35.13
CA ASN A 203 -16.48 7.53 -35.47
C ASN A 203 -15.72 7.09 -36.71
N SER A 204 -15.52 5.78 -36.89
CA SER A 204 -14.84 5.29 -38.09
C SER A 204 -15.64 5.58 -39.34
N LYS A 205 -16.96 5.43 -39.29
CA LYS A 205 -17.79 5.76 -40.44
C LYS A 205 -17.70 7.24 -40.78
N ALA A 206 -17.59 8.09 -39.75
CA ALA A 206 -17.49 9.54 -40.00
C ALA A 206 -16.17 9.88 -40.69
N PHE A 207 -15.07 9.23 -40.29
CA PHE A 207 -13.77 9.57 -40.85
C PHE A 207 -13.65 9.09 -42.30
N ILE A 208 -14.10 7.87 -42.59
CA ILE A 208 -13.98 7.32 -43.93
C ILE A 208 -14.88 8.03 -44.94
N HIS A 209 -15.71 8.97 -44.49
CA HIS A 209 -16.47 9.83 -45.37
C HIS A 209 -15.84 11.20 -45.51
N GLY A 210 -14.53 11.30 -45.31
CA GLY A 210 -13.80 12.52 -45.57
C GLY A 210 -14.11 13.66 -44.63
N ALA A 211 -14.50 13.36 -43.40
CA ALA A 211 -14.81 14.41 -42.44
C ALA A 211 -13.59 15.26 -42.12
N LYS A 212 -13.80 16.57 -42.05
CA LYS A 212 -12.81 17.47 -41.46
C LYS A 212 -12.90 17.34 -39.94
N VAL A 213 -11.77 17.03 -39.32
CA VAL A 213 -11.71 16.75 -37.89
C VAL A 213 -10.84 17.80 -37.23
N GLY A 214 -11.34 18.41 -36.16
CA GLY A 214 -10.57 19.36 -35.36
C GLY A 214 -10.47 18.87 -33.93
N ILE A 215 -9.30 19.07 -33.34
CA ILE A 215 -9.05 18.67 -31.96
C ILE A 215 -8.94 19.94 -31.12
N LEU A 216 -9.82 20.07 -30.13
CA LEU A 216 -9.80 21.17 -29.17
C LEU A 216 -9.25 20.61 -27.86
N ALA A 217 -7.96 20.84 -27.61
CA ALA A 217 -7.26 20.23 -26.49
C ALA A 217 -6.97 21.19 -25.35
N ASP A 218 -7.19 22.49 -25.53
CA ASP A 218 -6.81 23.49 -24.53
C ASP A 218 -7.94 23.83 -23.57
N TYR A 219 -9.06 23.09 -23.61
CA TYR A 219 -10.15 23.33 -22.68
C TYR A 219 -10.93 22.03 -22.48
N PRO A 220 -11.16 21.62 -21.24
CA PRO A 220 -11.96 20.39 -21.00
C PRO A 220 -13.41 20.61 -21.41
N THR A 221 -13.90 19.76 -22.30
CA THR A 221 -15.25 19.94 -22.85
C THR A 221 -16.29 19.02 -22.24
N TYR A 222 -15.93 17.75 -21.98
CA TYR A 222 -16.89 16.74 -21.57
C TYR A 222 -16.34 15.96 -20.39
N TYR A 223 -17.19 15.74 -19.38
CA TYR A 223 -16.83 14.97 -18.20
C TYR A 223 -17.61 13.66 -18.23
N TRP A 224 -16.92 12.57 -18.56
CA TRP A 224 -17.50 11.23 -18.55
C TRP A 224 -17.33 10.65 -17.15
N ILE A 225 -18.44 10.57 -16.41
CA ILE A 225 -18.41 10.26 -14.99
C ILE A 225 -18.58 8.77 -14.77
N ALA A 226 -17.72 8.18 -13.95
CA ALA A 226 -17.86 6.79 -13.54
C ALA A 226 -18.90 6.68 -12.43
N THR A 227 -19.92 5.85 -12.65
CA THR A 227 -21.06 5.75 -11.74
C THR A 227 -21.30 4.28 -11.39
N GLY A 228 -20.41 3.72 -10.56
CA GLY A 228 -20.52 2.35 -10.07
C GLY A 228 -21.05 1.35 -11.07
N ALA A 229 -20.33 1.16 -12.17
CA ALA A 229 -20.84 0.40 -13.32
C ALA A 229 -20.84 -1.10 -13.01
N ASN A 230 -21.75 -1.48 -12.12
CA ASN A 230 -22.06 -2.90 -11.88
C ASN A 230 -23.15 -3.29 -12.87
N ASN A 231 -22.74 -3.44 -14.14
CA ASN A 231 -23.70 -3.64 -15.22
C ASN A 231 -24.53 -4.90 -15.03
N SER A 232 -23.90 -5.98 -14.56
CA SER A 232 -24.58 -7.26 -14.30
C SER A 232 -25.30 -7.77 -15.55
N SER A 233 -24.65 -7.62 -16.70
CA SER A 233 -25.21 -8.02 -17.99
C SER A 233 -24.47 -9.25 -18.48
N SER A 234 -25.21 -10.33 -18.72
CA SER A 234 -24.63 -11.54 -19.28
C SER A 234 -24.08 -11.32 -20.69
N PHE A 235 -24.60 -10.32 -21.40
CA PHE A 235 -24.09 -10.01 -22.74
C PHE A 235 -22.61 -9.63 -22.68
N GLY A 236 -22.23 -8.80 -21.71
CA GLY A 236 -20.86 -8.32 -21.58
C GLY A 236 -19.92 -9.24 -20.84
N ARG A 237 -20.39 -10.40 -20.39
CA ARG A 237 -19.56 -11.38 -19.72
C ARG A 237 -19.51 -12.72 -20.46
N ASP A 238 -20.32 -12.89 -21.50
CA ASP A 238 -20.28 -14.10 -22.31
C ASP A 238 -18.97 -14.14 -23.09
N PRO A 239 -18.09 -15.11 -22.85
CA PRO A 239 -16.82 -15.13 -23.60
C PRO A 239 -17.00 -15.41 -25.08
N HIS A 240 -18.02 -16.18 -25.46
CA HIS A 240 -18.27 -16.42 -26.87
C HIS A 240 -18.83 -15.18 -27.55
N GLU A 241 -19.68 -14.43 -26.84
CA GLU A 241 -20.18 -13.17 -27.39
C GLU A 241 -19.04 -12.17 -27.58
N LYS A 242 -18.07 -12.18 -26.66
CA LYS A 242 -16.96 -11.24 -26.75
C LYS A 242 -16.21 -11.40 -28.06
N TRP A 243 -15.78 -12.63 -28.38
CA TRP A 243 -15.01 -12.84 -29.59
C TRP A 243 -15.86 -12.85 -30.85
N ASN A 244 -17.16 -13.10 -30.72
CA ASN A 244 -18.06 -12.84 -31.84
C ASN A 244 -18.10 -11.35 -32.16
N GLN A 245 -18.08 -10.50 -31.14
CA GLN A 245 -18.04 -9.05 -31.35
C GLN A 245 -16.68 -8.60 -31.86
N ILE A 246 -15.61 -9.24 -31.40
CA ILE A 246 -14.27 -8.86 -31.86
C ILE A 246 -14.10 -9.23 -33.32
N ASN A 247 -14.65 -10.38 -33.74
CA ASN A 247 -14.54 -10.79 -35.14
C ASN A 247 -15.24 -9.80 -36.06
N LYS A 248 -16.44 -9.34 -35.68
CA LYS A 248 -17.15 -8.42 -36.56
C LYS A 248 -16.54 -7.02 -36.53
N LEU A 249 -15.87 -6.65 -35.43
CA LEU A 249 -15.17 -5.38 -35.39
C LEU A 249 -14.00 -5.37 -36.37
N PHE A 250 -13.23 -6.45 -36.42
CA PHE A 250 -12.11 -6.50 -37.36
C PHE A 250 -12.58 -6.66 -38.79
N ASN A 251 -13.64 -7.43 -39.02
CA ASN A 251 -14.21 -7.51 -40.37
C ASN A 251 -14.74 -6.16 -40.82
N PHE A 252 -15.28 -5.37 -39.90
CA PHE A 252 -15.71 -4.02 -40.25
C PHE A 252 -14.54 -3.17 -40.72
N PHE A 253 -13.40 -3.26 -40.01
CA PHE A 253 -12.19 -2.55 -40.44
C PHE A 253 -11.78 -2.98 -41.84
N LYS A 254 -11.63 -4.29 -42.04
CA LYS A 254 -11.09 -4.81 -43.31
C LYS A 254 -12.02 -4.55 -44.48
N ASP A 255 -13.33 -4.42 -44.24
CA ASP A 255 -14.28 -4.27 -45.33
C ASP A 255 -14.59 -2.82 -45.66
N ASN A 256 -14.31 -1.88 -44.77
CA ASN A 256 -14.75 -0.50 -44.98
C ASN A 256 -13.61 0.50 -45.03
N ILE A 257 -12.57 0.34 -44.22
CA ILE A 257 -11.45 1.27 -44.22
C ILE A 257 -10.54 0.90 -45.39
N LYS A 258 -10.50 1.76 -46.41
CA LYS A 258 -9.75 1.47 -47.63
C LYS A 258 -8.40 2.17 -47.70
N GLU A 259 -8.23 3.29 -46.99
CA GLU A 259 -6.93 3.93 -46.91
C GLU A 259 -5.98 3.02 -46.13
N GLN A 260 -4.86 2.65 -46.77
CA GLN A 260 -3.97 1.67 -46.17
C GLN A 260 -3.41 2.14 -44.83
N ARG A 261 -3.08 3.43 -44.74
CA ARG A 261 -2.53 3.97 -43.49
C ARG A 261 -3.53 3.85 -42.35
N ASP A 262 -4.80 4.12 -42.61
CA ASP A 262 -5.81 4.09 -41.55
C ASP A 262 -6.23 2.66 -41.20
N LEU A 263 -6.30 1.77 -42.20
CA LEU A 263 -6.63 0.38 -41.91
C LEU A 263 -5.54 -0.28 -41.07
N ASP A 264 -4.27 -0.05 -41.41
CA ASP A 264 -3.18 -0.68 -40.67
C ASP A 264 -3.14 -0.18 -39.23
N PHE A 265 -3.46 1.09 -39.01
CA PHE A 265 -3.46 1.63 -37.65
C PHE A 265 -4.51 0.95 -36.79
N MSE A 266 -5.74 0.86 -37.30
CA MSE A 266 -6.83 0.25 -36.55
C MSE A 266 -6.56 -1.22 -36.31
O MSE A 266 -6.92 -1.76 -35.27
CB MSE A 266 -8.16 0.44 -37.29
CG MSE A 266 -8.60 1.89 -37.43
SE MSE A 266 -8.87 2.75 -35.70
CE MSE A 266 -10.70 2.19 -35.35
N LEU A 267 -5.90 -1.86 -37.27
CA LEU A 267 -5.56 -3.28 -37.11
C LEU A 267 -4.56 -3.47 -35.97
N THR A 268 -3.46 -2.72 -35.99
CA THR A 268 -2.45 -2.86 -34.94
C THR A 268 -2.99 -2.42 -33.59
N HIS A 269 -3.72 -1.30 -33.56
CA HIS A 269 -4.21 -0.76 -32.29
C HIS A 269 -5.14 -1.74 -31.58
N TRP A 270 -6.05 -2.36 -32.32
CA TRP A 270 -7.03 -3.24 -31.72
C TRP A 270 -6.53 -4.68 -31.59
N TYR A 271 -5.57 -5.09 -32.43
CA TYR A 271 -4.92 -6.37 -32.20
C TYR A 271 -4.07 -6.33 -30.93
N ARG A 272 -3.42 -5.19 -30.68
CA ARG A 272 -2.61 -5.06 -29.47
C ARG A 272 -3.49 -4.99 -28.22
N SER A 273 -4.60 -4.26 -28.28
CA SER A 273 -5.36 -3.94 -27.08
C SER A 273 -6.33 -5.05 -26.69
N ARG A 274 -6.98 -5.69 -27.66
CA ARG A 274 -8.08 -6.60 -27.39
C ARG A 274 -7.70 -8.08 -27.53
N VAL A 275 -6.92 -8.43 -28.55
CA VAL A 275 -6.50 -9.84 -28.79
C VAL A 275 -5.22 -10.09 -28.01
N LEU A 276 -4.20 -9.27 -28.23
CA LEU A 276 -2.91 -9.47 -27.53
C LEU A 276 -3.05 -9.05 -26.07
N GLY A 277 -4.08 -8.28 -25.72
CA GLY A 277 -4.24 -7.81 -24.36
C GLY A 277 -4.71 -8.85 -23.35
N ILE A 278 -4.99 -10.06 -23.80
CA ILE A 278 -5.31 -11.17 -22.90
C ILE A 278 -4.12 -12.08 -22.64
N LEU A 279 -2.96 -11.79 -23.23
CA LEU A 279 -1.79 -12.64 -23.13
C LEU A 279 -0.80 -12.17 -22.07
N GLY A 280 -1.17 -11.18 -21.27
CA GLY A 280 -0.29 -10.68 -20.23
C GLY A 280 -0.81 -10.95 -18.83
N GLN A 281 -1.09 -9.89 -18.08
CA GLN A 281 -1.62 -10.06 -16.73
C GLN A 281 -2.95 -10.80 -16.73
N TRP A 282 -3.69 -10.73 -17.84
CA TRP A 282 -4.98 -11.42 -17.93
C TRP A 282 -4.83 -12.93 -17.76
N LEU A 283 -3.68 -13.49 -18.14
CA LEU A 283 -3.47 -14.95 -18.01
C LEU A 283 -3.25 -15.32 -16.54
N LEU A 284 -3.03 -14.36 -15.65
CA LEU A 284 -2.79 -14.65 -14.25
C LEU A 284 -4.01 -14.47 -13.37
N LYS A 285 -5.11 -13.95 -13.90
CA LYS A 285 -6.32 -13.73 -13.10
C LYS A 285 -7.55 -14.33 -13.75
N ASN A 286 -7.39 -15.46 -14.44
CA ASN A 286 -8.50 -16.17 -15.07
C ASN A 286 -8.27 -17.67 -14.94
N ASN A 287 -9.37 -18.41 -14.76
CA ASN A 287 -9.27 -19.85 -14.63
C ASN A 287 -8.83 -20.48 -15.96
N ASN A 288 -8.42 -21.74 -15.88
CA ASN A 288 -7.79 -22.39 -17.03
C ASN A 288 -8.79 -22.59 -18.18
N GLU A 289 -10.06 -22.85 -17.88
CA GLU A 289 -11.02 -23.06 -18.96
C GLU A 289 -11.36 -21.76 -19.66
N ARG A 290 -11.49 -20.67 -18.91
CA ARG A 290 -11.69 -19.37 -19.52
C ARG A 290 -10.51 -18.98 -20.39
N ILE A 291 -9.29 -19.34 -19.97
CA ILE A 291 -8.11 -19.05 -20.76
C ILE A 291 -8.14 -19.85 -22.07
N ASP A 292 -8.41 -21.14 -21.98
CA ASP A 292 -8.41 -21.99 -23.17
C ASP A 292 -9.42 -21.50 -24.20
N ILE A 293 -10.60 -21.07 -23.74
CA ILE A 293 -11.63 -20.61 -24.67
C ILE A 293 -11.18 -19.35 -25.40
N GLU A 294 -10.77 -18.33 -24.65
CA GLU A 294 -10.39 -17.07 -25.28
C GLU A 294 -9.04 -17.15 -25.99
N PHE A 295 -8.17 -18.09 -25.60
CA PHE A 295 -6.91 -18.24 -26.32
C PHE A 295 -7.13 -18.84 -27.70
N ASN A 296 -7.96 -19.88 -27.79
CA ASN A 296 -8.27 -20.47 -29.08
C ASN A 296 -9.02 -19.50 -29.97
N TYR A 297 -9.85 -18.63 -29.39
CA TYR A 297 -10.51 -17.59 -30.15
C TYR A 297 -9.51 -16.58 -30.70
N ALA A 298 -8.49 -16.23 -29.90
CA ALA A 298 -7.51 -15.25 -30.32
C ALA A 298 -6.56 -15.81 -31.37
N LYS A 299 -6.16 -17.09 -31.21
CA LYS A 299 -5.27 -17.71 -32.20
C LYS A 299 -5.96 -17.79 -33.56
N LYS A 300 -7.23 -18.16 -33.58
CA LYS A 300 -7.95 -18.26 -34.85
C LYS A 300 -8.12 -16.89 -35.50
N LEU A 301 -8.39 -15.86 -34.69
CA LEU A 301 -8.59 -14.52 -35.23
C LEU A 301 -7.30 -13.95 -35.82
N ALA A 302 -6.16 -14.21 -35.16
CA ALA A 302 -4.89 -13.75 -35.70
C ALA A 302 -4.60 -14.42 -37.03
N GLU A 303 -4.88 -15.72 -37.15
CA GLU A 303 -4.63 -16.43 -38.39
C GLU A 303 -5.55 -15.96 -39.50
N GLU A 304 -6.82 -15.70 -39.19
CA GLU A 304 -7.81 -15.45 -40.23
C GLU A 304 -7.91 -13.98 -40.65
N LEU A 305 -7.75 -13.04 -39.71
CA LEU A 305 -8.01 -11.65 -39.99
C LEU A 305 -6.84 -10.71 -39.81
N ILE A 306 -5.77 -11.13 -39.12
CA ILE A 306 -4.64 -10.25 -38.82
C ILE A 306 -3.51 -10.62 -39.77
N PRO A 307 -3.15 -9.75 -40.72
CA PRO A 307 -2.02 -10.06 -41.61
C PRO A 307 -0.72 -10.16 -40.84
N ALA A 308 0.22 -10.91 -41.41
CA ALA A 308 1.48 -11.15 -40.72
C ALA A 308 2.35 -9.90 -40.64
N TYR A 309 2.20 -8.97 -41.59
CA TYR A 309 3.01 -7.76 -41.56
C TYR A 309 2.63 -6.84 -40.40
N ILE A 310 1.44 -7.04 -39.81
CA ILE A 310 0.98 -6.18 -38.73
C ILE A 310 1.93 -6.25 -37.54
N SER A 311 2.47 -7.44 -37.27
CA SER A 311 3.35 -7.63 -36.12
C SER A 311 4.65 -6.84 -36.23
N GLU A 312 5.01 -6.37 -37.43
CA GLU A 312 6.20 -5.55 -37.57
C GLU A 312 6.02 -4.15 -36.97
N ASN A 313 4.77 -3.74 -36.73
CA ASN A 313 4.50 -2.46 -36.09
C ASN A 313 4.46 -2.56 -34.57
N LEU A 314 4.59 -3.76 -34.00
CA LEU A 314 4.50 -3.94 -32.57
C LEU A 314 5.88 -3.85 -31.92
N ASP A 315 5.88 -3.56 -30.62
CA ASP A 315 7.13 -3.51 -29.86
C ASP A 315 7.64 -4.94 -29.62
N LYS A 316 8.81 -5.03 -29.02
CA LYS A 316 9.48 -6.33 -28.86
C LYS A 316 8.60 -7.31 -28.09
N ASN A 317 8.09 -6.89 -26.93
CA ASN A 317 7.33 -7.81 -26.08
C ASN A 317 6.01 -8.21 -26.72
N ASN A 318 5.46 -7.37 -27.60
CA ASN A 318 4.23 -7.75 -28.29
C ASN A 318 4.51 -8.65 -29.48
N GLN A 319 5.70 -8.53 -30.09
CA GLN A 319 6.08 -9.48 -31.14
C GLN A 319 6.29 -10.87 -30.57
N VAL A 320 6.77 -10.97 -29.34
CA VAL A 320 6.87 -12.27 -28.68
C VAL A 320 5.49 -12.85 -28.41
N LYS A 321 4.56 -12.02 -27.95
CA LYS A 321 3.19 -12.48 -27.73
C LYS A 321 2.54 -12.89 -29.04
N ASP A 322 2.79 -12.14 -30.11
CA ASP A 322 2.21 -12.49 -31.41
C ASP A 322 2.75 -13.82 -31.91
N TYR A 323 4.08 -13.99 -31.84
CA TYR A 323 4.69 -15.22 -32.32
C TYR A 323 4.21 -16.43 -31.54
N LEU A 324 4.19 -16.32 -30.21
CA LEU A 324 3.76 -17.46 -29.39
C LEU A 324 2.27 -17.73 -29.55
N LEU A 325 1.48 -16.69 -29.81
CA LEU A 325 0.05 -16.90 -30.05
C LEU A 325 -0.17 -17.75 -31.29
N ARG A 326 0.44 -17.34 -32.41
CA ARG A 326 0.29 -18.08 -33.66
C ARG A 326 0.86 -19.48 -33.60
N GLN A 327 1.82 -19.72 -32.70
CA GLN A 327 2.33 -21.07 -32.46
C GLN A 327 1.45 -21.87 -31.51
N GLY A 328 0.47 -21.24 -30.86
CA GLY A 328 -0.35 -21.94 -29.89
C GLY A 328 0.37 -22.31 -28.62
N ASP A 329 1.46 -21.63 -28.30
CA ASP A 329 2.28 -21.95 -27.12
C ASP A 329 1.72 -21.19 -25.93
N LEU A 330 0.62 -21.71 -25.38
CA LEU A 330 0.01 -21.09 -24.21
C LEU A 330 0.86 -21.28 -22.97
N ASP A 331 1.60 -22.39 -22.86
CA ASP A 331 2.42 -22.62 -21.68
C ASP A 331 3.55 -21.59 -21.57
N SER A 332 4.16 -21.23 -22.69
CA SER A 332 5.23 -20.23 -22.63
C SER A 332 4.69 -18.85 -22.30
N LEU A 333 3.53 -18.49 -22.88
CA LEU A 333 2.91 -17.21 -22.57
C LEU A 333 2.52 -17.12 -21.09
N LYS A 334 2.08 -18.25 -20.51
CA LYS A 334 1.78 -18.26 -19.07
C LYS A 334 3.04 -18.01 -18.25
N LYS A 335 4.16 -18.65 -18.63
CA LYS A 335 5.40 -18.42 -17.91
C LYS A 335 5.87 -16.98 -18.08
N LEU A 336 5.73 -16.43 -19.29
CA LEU A 336 6.12 -15.04 -19.52
C LEU A 336 5.24 -14.07 -18.73
N ALA A 337 3.96 -14.39 -18.57
CA ALA A 337 3.07 -13.55 -17.78
C ALA A 337 3.51 -13.50 -16.32
N GLN A 338 4.01 -14.63 -15.81
CA GLN A 338 4.52 -14.66 -14.44
C GLN A 338 5.80 -13.85 -14.31
N ILE A 339 6.64 -13.85 -15.34
CA ILE A 339 7.91 -13.15 -15.28
C ILE A 339 7.73 -11.64 -15.38
N ASP A 340 6.80 -11.19 -16.23
CA ASP A 340 6.57 -9.76 -16.43
C ASP A 340 5.73 -9.13 -15.32
N ALA A 341 5.11 -9.93 -14.46
CA ALA A 341 4.14 -9.42 -13.50
C ALA A 341 4.81 -8.50 -12.48
N GLY A 342 4.36 -7.25 -12.42
CA GLY A 342 4.82 -6.30 -11.43
C GLY A 342 5.79 -5.25 -11.92
N ILE A 343 6.23 -5.30 -13.17
CA ILE A 343 7.18 -4.32 -13.68
C ILE A 343 6.51 -2.95 -13.70
N THR A 344 7.16 -1.96 -13.08
CA THR A 344 6.59 -0.62 -12.96
C THR A 344 7.74 0.37 -12.74
N ALA A 345 7.38 1.64 -12.56
CA ALA A 345 8.36 2.69 -12.31
C ALA A 345 7.69 3.77 -11.46
N LEU A 346 7.99 3.77 -10.16
CA LEU A 346 7.45 4.77 -9.23
C LEU A 346 8.49 5.88 -9.12
N SER A 347 8.05 7.13 -9.02
CA SER A 347 8.93 8.28 -8.95
C SER A 347 8.95 8.85 -7.54
N TYR A 348 10.13 9.18 -7.06
CA TYR A 348 10.32 9.77 -5.74
C TYR A 348 10.75 11.23 -5.88
N VAL A 349 10.21 12.08 -5.03
CA VAL A 349 10.59 13.51 -4.97
C VAL A 349 11.95 13.63 -4.32
N GLU A 350 12.98 14.03 -5.06
CA GLU A 350 14.28 14.28 -4.46
C GLU A 350 14.40 15.68 -3.89
N ASP A 351 13.62 16.63 -4.39
CA ASP A 351 13.65 18.01 -3.92
C ASP A 351 12.43 18.74 -4.45
N ALA A 352 11.86 19.60 -3.61
CA ALA A 352 10.68 20.37 -3.99
C ALA A 352 10.76 21.73 -3.32
N TYR A 353 10.51 22.79 -4.10
CA TYR A 353 10.65 24.14 -3.57
C TYR A 353 9.92 25.11 -4.48
N PHE A 354 9.59 26.28 -3.92
CA PHE A 354 9.04 27.38 -4.68
C PHE A 354 10.15 28.34 -5.08
N LYS A 355 10.07 28.85 -6.31
CA LYS A 355 11.01 29.85 -6.80
C LYS A 355 10.24 30.83 -7.66
N GLU A 356 10.34 32.12 -7.31
CA GLU A 356 9.54 33.17 -7.95
C GLU A 356 8.07 32.84 -7.88
N ASP A 357 7.44 32.56 -9.03
CA ASP A 357 6.00 32.31 -9.07
C ASP A 357 5.66 30.89 -9.50
N LYS A 358 6.58 29.96 -9.35
CA LYS A 358 6.36 28.58 -9.77
C LYS A 358 6.84 27.63 -8.68
N LEU A 359 6.45 26.36 -8.82
CA LEU A 359 6.84 25.29 -7.90
C LEU A 359 7.76 24.38 -8.70
N PHE A 360 8.90 23.99 -8.12
CA PHE A 360 9.90 23.20 -8.82
C PHE A 360 10.02 21.82 -8.17
N PHE A 361 10.27 20.82 -9.00
CA PHE A 361 10.41 19.44 -8.54
C PHE A 361 11.67 18.82 -9.13
N LYS A 362 12.34 18.01 -8.31
CA LYS A 362 13.40 17.11 -8.75
C LYS A 362 12.97 15.70 -8.37
N THR A 363 12.75 14.86 -9.38
CA THR A 363 12.27 13.50 -9.15
C THR A 363 13.26 12.48 -9.69
N SER A 364 13.17 11.27 -9.16
CA SER A 364 13.98 10.14 -9.60
C SER A 364 13.10 8.90 -9.68
N THR A 365 13.43 7.99 -10.58
CA THR A 365 12.68 6.76 -10.73
C THR A 365 13.60 5.68 -11.27
N LYS A 366 13.15 4.44 -11.12
CA LYS A 366 13.85 3.30 -11.70
C LYS A 366 12.85 2.17 -11.89
N MSE A 367 13.09 1.36 -12.91
CA MSE A 367 12.21 0.22 -13.19
C MSE A 367 12.42 -0.86 -12.15
O MSE A 367 13.54 -1.36 -11.97
CB MSE A 367 12.46 -0.31 -14.59
CG MSE A 367 12.13 0.69 -15.68
SE MSE A 367 12.26 -0.08 -17.46
CE MSE A 367 10.88 -1.44 -17.30
N THR A 368 11.34 -1.22 -11.45
CA THR A 368 11.39 -2.16 -10.35
C THR A 368 10.25 -3.16 -10.49
N TYR A 369 10.27 -4.17 -9.63
CA TYR A 369 9.15 -5.09 -9.45
C TYR A 369 8.40 -4.64 -8.20
N GLU A 370 7.20 -4.07 -8.40
CA GLU A 370 6.33 -3.68 -7.28
C GLU A 370 7.00 -2.71 -6.33
N ASP A 371 7.81 -1.79 -6.87
CA ASP A 371 8.54 -0.80 -6.08
C ASP A 371 9.45 -1.48 -5.05
N LYS A 372 10.18 -2.49 -5.50
CA LYS A 372 11.08 -3.23 -4.63
C LYS A 372 12.44 -3.43 -5.30
N GLU A 373 12.77 -4.67 -5.64
CA GLU A 373 14.05 -4.93 -6.28
C GLU A 373 14.04 -4.41 -7.72
N ASP A 374 15.24 -4.20 -8.25
CA ASP A 374 15.38 -3.59 -9.56
C ASP A 374 14.97 -4.55 -10.68
N PHE A 375 14.43 -3.98 -11.75
CA PHE A 375 14.20 -4.71 -13.00
C PHE A 375 15.50 -4.68 -13.80
N PHE A 376 15.91 -5.84 -14.32
CA PHE A 376 17.20 -5.98 -14.97
C PHE A 376 17.05 -6.44 -16.42
N ILE A 377 18.11 -6.19 -17.18
CA ILE A 377 18.26 -6.71 -18.55
C ILE A 377 19.72 -7.09 -18.74
N GLU A 378 19.95 -8.23 -19.38
CA GLU A 378 21.29 -8.79 -19.52
C GLU A 378 22.01 -8.21 -20.74
N LYS A 379 23.34 -8.20 -20.66
CA LYS A 379 24.21 -7.78 -21.75
C LYS A 379 25.10 -8.97 -22.10
N THR A 380 24.64 -9.78 -23.06
CA THR A 380 25.43 -10.88 -23.59
C THR A 380 25.99 -10.46 -24.94
N ALA A 381 27.31 -10.54 -25.08
CA ALA A 381 28.02 -10.05 -26.27
C ALA A 381 27.73 -8.56 -26.39
N ASP A 382 27.36 -8.05 -27.56
CA ASP A 382 27.01 -6.65 -27.73
C ASP A 382 25.51 -6.42 -27.77
N ARG A 383 24.74 -7.28 -27.09
CA ARG A 383 23.28 -7.26 -27.14
C ARG A 383 22.71 -7.06 -25.74
N MSE A 384 21.84 -6.08 -25.59
CA MSE A 384 21.06 -5.92 -24.36
C MSE A 384 19.80 -6.76 -24.45
O MSE A 384 18.86 -6.41 -25.15
CB MSE A 384 20.71 -4.46 -24.11
CG MSE A 384 21.89 -3.56 -23.75
SE MSE A 384 22.71 -4.01 -22.03
CE MSE A 384 21.16 -4.56 -21.03
N GLU A 385 19.77 -7.87 -23.72
CA GLU A 385 18.75 -8.89 -23.89
C GLU A 385 17.79 -8.92 -22.71
N ARG A 386 16.55 -9.31 -23.01
CA ARG A 386 15.54 -9.51 -21.98
C ARG A 386 15.84 -10.80 -21.21
N ILE A 387 15.83 -10.71 -19.88
CA ILE A 387 16.17 -11.86 -19.05
C ILE A 387 15.01 -12.85 -19.08
N LEU A 388 15.22 -13.98 -19.73
CA LEU A 388 14.22 -15.03 -19.89
C LEU A 388 14.86 -16.38 -19.62
N PRO A 389 14.07 -17.39 -19.26
CA PRO A 389 14.63 -18.73 -19.10
C PRO A 389 15.15 -19.26 -20.42
N GLU A 390 16.20 -20.08 -20.34
CA GLU A 390 16.77 -20.66 -21.56
C GLU A 390 15.76 -21.54 -22.28
N GLU A 391 14.79 -22.09 -21.55
CA GLU A 391 13.77 -22.93 -22.18
C GLU A 391 12.88 -22.10 -23.12
N ILE A 392 12.39 -20.97 -22.64
CA ILE A 392 11.54 -20.12 -23.48
C ILE A 392 12.38 -19.36 -24.50
N LYS A 393 13.59 -18.95 -24.12
CA LYS A 393 14.39 -18.11 -24.99
C LYS A 393 14.81 -18.85 -26.26
N SER A 394 15.03 -20.16 -26.17
CA SER A 394 15.45 -20.96 -27.31
C SER A 394 14.31 -21.33 -28.25
N LYS A 395 13.13 -20.71 -28.08
CA LYS A 395 12.00 -20.96 -28.96
C LYS A 395 11.52 -19.71 -29.67
N LEU A 396 12.16 -18.56 -29.45
CA LEU A 396 11.77 -17.28 -30.03
C LEU A 396 12.79 -16.81 -31.05
N PRO A 397 12.38 -15.99 -32.02
CA PRO A 397 13.36 -15.30 -32.86
C PRO A 397 14.26 -14.43 -32.00
N LYS A 398 15.55 -14.42 -32.35
CA LYS A 398 16.55 -13.85 -31.44
C LYS A 398 16.42 -12.34 -31.31
N GLU A 399 15.87 -11.67 -32.32
CA GLU A 399 15.73 -10.21 -32.26
C GLU A 399 14.62 -9.77 -31.32
N PHE A 400 13.66 -10.65 -31.01
CA PHE A 400 12.48 -10.21 -30.27
C PHE A 400 12.80 -9.90 -28.81
N PHE A 401 13.85 -10.52 -28.25
CA PHE A 401 14.30 -10.20 -26.91
C PHE A 401 15.61 -9.41 -26.93
N ASP A 402 15.79 -8.58 -27.96
CA ASP A 402 16.97 -7.73 -28.10
C ASP A 402 16.52 -6.28 -27.97
N TYR A 403 16.83 -5.66 -26.83
CA TYR A 403 16.42 -4.30 -26.54
C TYR A 403 17.43 -3.26 -27.00
N SER A 404 18.44 -3.66 -27.78
CA SER A 404 19.54 -2.74 -28.10
C SER A 404 19.05 -1.53 -28.88
N ASP A 405 18.14 -1.73 -29.83
CA ASP A 405 17.64 -0.63 -30.65
C ASP A 405 16.60 0.22 -29.93
N ASP A 406 16.18 -0.17 -28.72
CA ASP A 406 15.10 0.53 -28.02
C ASP A 406 15.57 1.27 -26.77
N LEU A 407 16.88 1.31 -26.51
CA LEU A 407 17.38 1.93 -25.29
C LEU A 407 17.41 3.45 -25.35
N ALA A 408 17.14 4.04 -26.51
CA ALA A 408 17.18 5.50 -26.67
C ALA A 408 15.80 6.11 -26.83
N GLU A 409 14.75 5.38 -26.46
CA GLU A 409 13.38 5.83 -26.65
C GLU A 409 12.58 5.76 -25.36
N PHE A 410 13.22 6.05 -24.23
CA PHE A 410 12.51 6.19 -22.97
C PHE A 410 11.92 7.59 -22.87
N THR A 411 10.72 7.67 -22.29
CA THR A 411 10.07 8.96 -22.03
C THR A 411 9.79 9.09 -20.54
N TYR A 412 9.91 10.33 -20.05
CA TYR A 412 9.77 10.60 -18.61
C TYR A 412 9.24 12.02 -18.48
N GLU A 413 7.94 12.14 -18.18
CA GLU A 413 7.24 13.41 -18.19
C GLU A 413 6.37 13.53 -16.96
N PRO A 414 6.08 14.77 -16.51
CA PRO A 414 5.17 14.95 -15.38
C PRO A 414 3.75 15.28 -15.84
N SER A 415 2.77 15.11 -14.95
CA SER A 415 1.40 15.45 -15.27
C SER A 415 0.71 15.91 -13.99
N ILE A 416 -0.46 16.52 -14.15
CA ILE A 416 -1.23 17.06 -13.05
C ILE A 416 -2.69 16.70 -13.24
N LYS A 417 -3.44 16.63 -12.14
CA LYS A 417 -4.85 16.25 -12.19
C LYS A 417 -5.60 17.04 -11.12
N GLY A 418 -6.60 17.81 -11.55
CA GLY A 418 -7.43 18.53 -10.60
C GLY A 418 -8.38 17.57 -9.91
N ARG A 419 -8.42 17.62 -8.57
CA ARG A 419 -9.20 16.63 -7.83
C ARG A 419 -10.70 16.86 -7.98
N ASN A 420 -11.12 18.10 -8.21
CA ASN A 420 -12.55 18.39 -8.39
C ASN A 420 -12.97 18.22 -9.85
N SER A 421 -12.28 18.91 -10.76
CA SER A 421 -12.66 18.85 -12.17
C SER A 421 -12.29 17.52 -12.81
N ARG A 422 -11.36 16.77 -12.22
CA ARG A 422 -10.83 15.52 -12.75
C ARG A 422 -10.07 15.71 -14.06
N ALA A 423 -9.82 16.95 -14.47
CA ALA A 423 -9.11 17.22 -15.71
C ALA A 423 -7.62 16.89 -15.56
N THR A 424 -7.03 16.41 -16.64
CA THR A 424 -5.65 15.96 -16.68
C THR A 424 -4.86 16.74 -17.71
N TRP A 425 -3.64 17.14 -17.33
CA TRP A 425 -2.77 17.91 -18.21
C TRP A 425 -1.34 17.41 -18.11
N LYS A 426 -0.64 17.45 -19.25
CA LYS A 426 0.80 17.26 -19.25
C LYS A 426 1.48 18.56 -18.82
N ILE A 427 2.47 18.43 -17.95
CA ILE A 427 3.25 19.57 -17.49
C ILE A 427 4.41 19.76 -18.47
N ASP A 428 4.34 20.81 -19.28
CA ASP A 428 5.35 21.06 -20.30
C ASP A 428 6.62 21.60 -19.67
N GLY A 429 7.65 21.77 -20.50
CA GLY A 429 8.88 22.42 -20.10
C GLY A 429 9.82 21.58 -19.27
N SER A 430 9.52 20.30 -19.08
CA SER A 430 10.36 19.44 -18.24
C SER A 430 11.59 18.98 -19.01
N THR A 431 12.66 18.74 -18.26
CA THR A 431 13.87 18.10 -18.76
C THR A 431 14.09 16.82 -17.98
N SER A 432 14.26 15.70 -18.69
CA SER A 432 14.45 14.41 -18.07
C SER A 432 15.61 13.68 -18.73
N ASN A 433 16.06 12.61 -18.09
CA ASN A 433 17.18 11.84 -18.60
C ASN A 433 17.08 10.42 -18.06
N VAL A 434 17.13 9.44 -18.95
CA VAL A 434 17.05 8.03 -18.59
C VAL A 434 18.38 7.37 -18.95
N GLU A 435 18.92 6.58 -18.02
CA GLU A 435 20.22 5.95 -18.18
C GLU A 435 20.10 4.45 -17.95
N VAL A 436 20.91 3.68 -18.69
CA VAL A 436 21.01 2.24 -18.55
C VAL A 436 22.34 1.96 -17.86
N VAL A 437 22.26 1.68 -16.56
CA VAL A 437 23.44 1.54 -15.66
C VAL A 437 23.74 0.08 -15.34
N ASN A 438 25.01 -0.30 -15.33
CA ASN A 438 25.41 -1.64 -14.93
C ASN A 438 25.49 -1.72 -13.41
N LYS A 439 24.56 -2.45 -12.79
CA LYS A 439 24.57 -2.58 -11.34
C LYS A 439 25.59 -3.62 -10.88
N LYS A 440 25.56 -4.80 -11.49
CA LYS A 440 26.49 -5.88 -11.15
C LYS A 440 26.54 -6.86 -12.31
N ALA A 441 27.67 -7.55 -12.42
CA ALA A 441 27.91 -8.54 -13.48
C ALA A 441 27.57 -7.97 -14.85
N ASN A 442 26.65 -8.63 -15.56
CA ASN A 442 26.15 -8.16 -16.84
C ASN A 442 24.70 -7.71 -16.77
N LEU A 443 24.22 -7.35 -15.58
CA LEU A 443 22.84 -6.93 -15.37
C LEU A 443 22.76 -5.41 -15.38
N TYR A 444 21.69 -4.88 -15.96
CA TYR A 444 21.53 -3.44 -16.14
C TYR A 444 20.16 -3.01 -15.66
N LYS A 445 20.13 -1.93 -14.89
CA LYS A 445 18.88 -1.31 -14.45
C LYS A 445 18.59 -0.06 -15.29
N ILE A 446 17.38 0.46 -15.15
CA ILE A 446 16.91 1.61 -15.90
C ILE A 446 16.60 2.71 -14.91
N GLU A 447 17.46 3.73 -14.83
CA GLU A 447 17.29 4.85 -13.93
C GLU A 447 16.84 6.10 -14.70
N GLY A 448 16.08 6.95 -14.02
CA GLY A 448 15.60 8.17 -14.62
C GLY A 448 15.62 9.37 -13.68
N GLU A 449 15.98 10.54 -14.19
CA GLU A 449 15.94 11.78 -13.45
C GLU A 449 15.09 12.79 -14.20
N MSE A 450 14.49 13.71 -13.46
CA MSE A 450 13.64 14.72 -14.08
C MSE A 450 13.53 16.00 -13.24
O MSE A 450 13.50 15.95 -12.02
CB MSE A 450 12.24 14.15 -14.33
CG MSE A 450 11.29 15.13 -14.99
SE MSE A 450 9.67 14.26 -15.63
CE MSE A 450 8.93 13.69 -13.92
N SER A 451 13.49 17.13 -13.93
CA SER A 451 13.23 18.43 -13.31
C SER A 451 12.10 19.11 -14.06
N PHE A 452 11.12 19.63 -13.32
CA PHE A 452 10.04 20.37 -13.93
C PHE A 452 9.50 21.39 -12.94
N SER A 453 8.84 22.41 -13.48
CA SER A 453 8.19 23.44 -12.69
C SER A 453 6.69 23.42 -12.99
N VAL A 454 5.90 23.89 -12.03
CA VAL A 454 4.46 23.95 -12.13
C VAL A 454 4.03 25.40 -12.12
N GLN A 455 3.37 25.84 -13.17
CA GLN A 455 2.73 27.16 -13.25
C GLN A 455 1.23 26.91 -13.19
N ILE A 456 0.66 27.11 -12.00
CA ILE A 456 -0.73 26.71 -11.76
C ILE A 456 -1.72 27.50 -12.61
N ASN A 457 -1.33 28.68 -13.10
CA ASN A 457 -2.21 29.44 -13.98
C ASN A 457 -2.45 28.73 -15.30
N ASP A 458 -1.53 27.87 -15.72
CA ASP A 458 -1.68 27.15 -16.98
C ASP A 458 -2.83 26.14 -16.93
N TYR A 459 -3.33 25.81 -15.74
CA TYR A 459 -4.35 24.78 -15.59
C TYR A 459 -5.64 25.32 -14.99
N ILE A 460 -5.73 26.62 -14.73
CA ILE A 460 -6.93 27.24 -14.19
C ILE A 460 -7.69 27.84 -15.37
N LEU A 461 -8.79 27.21 -15.75
CA LEU A 461 -9.60 27.70 -16.90
C LEU A 461 -10.95 28.19 -16.42
N ASP A 462 -11.66 27.42 -15.60
CA ASP A 462 -12.91 27.87 -15.02
C ASP A 462 -12.66 28.50 -13.65
N ALA A 463 -13.58 29.38 -13.25
CA ALA A 463 -13.43 30.09 -11.98
C ALA A 463 -13.30 29.13 -10.80
N ALA A 464 -13.94 27.96 -10.88
CA ALA A 464 -13.85 26.98 -9.81
C ALA A 464 -12.48 26.32 -9.72
N ASP A 465 -11.64 26.47 -10.75
CA ASP A 465 -10.30 25.87 -10.71
C ASP A 465 -9.37 26.61 -9.76
N LYS A 466 -9.69 27.86 -9.40
CA LYS A 466 -8.76 28.64 -8.57
C LYS A 466 -8.63 28.06 -7.17
N LYS A 467 -9.68 27.44 -6.64
CA LYS A 467 -9.64 26.77 -5.35
C LYS A 467 -9.82 25.29 -5.59
N GLN A 468 -8.72 24.54 -5.55
CA GLN A 468 -8.78 23.12 -5.86
C GLN A 468 -7.49 22.44 -5.41
N PRO A 469 -7.57 21.23 -4.84
CA PRO A 469 -6.36 20.43 -4.63
C PRO A 469 -5.94 19.78 -5.94
N TRP A 470 -4.64 19.83 -6.21
CA TRP A 470 -4.07 19.27 -7.43
C TRP A 470 -3.14 18.12 -7.08
N ASP A 471 -3.22 17.05 -7.86
CA ASP A 471 -2.41 15.85 -7.64
C ASP A 471 -1.38 15.73 -8.76
N ILE A 472 -0.14 15.44 -8.39
CA ILE A 472 0.98 15.39 -9.33
C ILE A 472 1.31 13.92 -9.63
N ALA A 473 1.51 13.61 -10.91
CA ALA A 473 1.81 12.27 -11.37
C ALA A 473 3.01 12.28 -12.29
N THR A 474 3.54 11.10 -12.56
CA THR A 474 4.66 10.91 -13.47
C THR A 474 4.34 9.80 -14.46
N ARG A 475 4.77 9.98 -15.71
CA ARG A 475 4.53 9.02 -16.79
C ARG A 475 5.88 8.56 -17.33
N PHE A 476 6.17 7.28 -17.17
CA PHE A 476 7.43 6.68 -17.62
C PHE A 476 7.11 5.56 -18.60
N THR A 477 7.67 5.67 -19.81
CA THR A 477 7.49 4.65 -20.83
C THR A 477 8.85 4.14 -21.28
N GLY A 478 8.85 2.90 -21.75
CA GLY A 478 10.08 2.27 -22.22
C GLY A 478 9.97 0.77 -22.24
N LEU A 479 10.65 0.13 -23.21
CA LEU A 479 10.67 -1.32 -23.38
C LEU A 479 9.27 -1.91 -23.54
N GLY A 480 8.30 -1.09 -23.96
CA GLY A 480 6.94 -1.53 -24.10
C GLY A 480 6.06 -1.31 -22.89
N TYR A 481 6.64 -0.91 -21.75
CA TYR A 481 5.89 -0.70 -20.53
C TYR A 481 5.51 0.77 -20.36
N THR A 482 4.37 1.00 -19.72
CA THR A 482 3.85 2.35 -19.50
C THR A 482 3.45 2.46 -18.03
N SER A 483 4.12 3.34 -17.30
CA SER A 483 3.87 3.56 -15.87
C SER A 483 3.48 5.01 -15.65
N HIS A 484 2.20 5.27 -15.51
CA HIS A 484 1.69 6.59 -15.18
C HIS A 484 1.16 6.52 -13.75
N ARG A 485 1.93 7.06 -12.80
CA ARG A 485 1.66 6.88 -11.39
C ARG A 485 1.82 8.19 -10.65
N ALA A 486 1.17 8.28 -9.50
CA ALA A 486 1.24 9.48 -8.67
C ALA A 486 2.65 9.69 -8.13
N LEU A 487 3.06 10.96 -8.02
CA LEU A 487 4.36 11.29 -7.41
C LEU A 487 4.23 11.05 -5.91
N THR A 488 5.22 10.39 -5.32
CA THR A 488 5.17 10.03 -3.91
C THR A 488 6.45 10.50 -3.21
N ILE A 489 6.38 10.57 -1.88
CA ILE A 489 7.55 10.87 -1.07
C ILE A 489 7.38 10.14 0.26
N GLY A 490 8.51 9.85 0.91
CA GLY A 490 8.49 9.20 2.19
C GLY A 490 8.56 10.18 3.35
N LYS A 491 9.50 11.11 3.28
CA LYS A 491 9.62 12.11 4.34
C LYS A 491 8.41 13.04 4.32
N ILE A 492 8.15 13.65 5.48
CA ILE A 492 7.08 14.64 5.57
C ILE A 492 7.52 15.89 4.81
N LEU A 493 6.67 16.36 3.91
CA LEU A 493 6.93 17.53 3.09
C LEU A 493 5.78 18.51 3.25
N ILE A 494 6.08 19.71 3.76
CA ILE A 494 5.10 20.77 3.88
C ILE A 494 5.76 22.09 3.54
N LYS A 495 5.52 22.60 2.33
CA LYS A 495 6.06 23.88 1.89
C LYS A 495 4.91 24.79 1.48
N THR A 496 4.95 26.03 1.93
CA THR A 496 3.90 26.99 1.67
C THR A 496 4.41 28.14 0.81
N ALA A 497 3.47 28.82 0.15
CA ALA A 497 3.81 29.95 -0.70
C ALA A 497 2.61 30.86 -0.83
N LEU A 498 2.87 32.17 -0.93
CA LEU A 498 1.83 33.19 -1.21
C LEU A 498 2.32 33.90 -2.46
N ILE A 499 1.71 33.61 -3.61
CA ILE A 499 2.19 34.06 -4.91
C ILE A 499 1.02 34.69 -5.66
N ASN A 500 1.02 36.02 -5.77
CA ASN A 500 0.06 36.77 -6.60
C ASN A 500 -1.39 36.40 -6.27
N ASN A 501 -1.74 36.61 -5.00
CA ASN A 501 -3.10 36.36 -4.50
C ASN A 501 -3.51 34.90 -4.67
N LYS A 502 -2.59 33.99 -4.38
CA LYS A 502 -2.88 32.56 -4.43
C LYS A 502 -2.10 31.86 -3.34
N THR A 503 -2.82 31.25 -2.39
CA THR A 503 -2.18 30.40 -1.39
C THR A 503 -1.83 29.06 -2.00
N MSE A 504 -0.58 28.62 -1.80
CA MSE A 504 -0.13 27.35 -2.35
C MSE A 504 0.66 26.55 -1.33
O MSE A 504 1.54 27.08 -0.63
CB MSE A 504 0.72 27.60 -3.61
CG MSE A 504 0.07 28.53 -4.63
SE MSE A 504 1.09 28.75 -6.27
CE MSE A 504 0.88 26.95 -6.98
N ILE A 505 0.35 25.25 -1.22
CA ILE A 505 0.99 24.35 -0.26
C ILE A 505 1.24 23.03 -0.97
N VAL A 506 2.51 22.59 -1.03
CA VAL A 506 2.82 21.25 -1.57
C VAL A 506 3.00 20.38 -0.32
N TYR A 507 2.45 19.17 -0.33
CA TYR A 507 2.45 18.35 0.87
C TYR A 507 2.29 16.89 0.49
N LYS A 508 2.85 16.03 1.33
CA LYS A 508 2.56 14.60 1.26
C LYS A 508 1.20 14.35 1.88
N ASN A 509 0.22 13.97 1.07
CA ASN A 509 -1.14 13.82 1.57
C ASN A 509 -1.25 12.57 2.44
N ALA A 510 -2.48 12.29 2.90
CA ALA A 510 -2.71 11.17 3.80
C ALA A 510 -2.34 9.84 3.16
N SER A 511 -2.44 9.75 1.84
CA SER A 511 -2.11 8.51 1.13
C SER A 511 -0.62 8.40 0.81
N GLY A 512 0.19 9.37 1.20
CA GLY A 512 1.61 9.34 0.90
C GLY A 512 1.98 9.83 -0.48
N LEU A 513 1.11 10.61 -1.12
CA LEU A 513 1.35 11.14 -2.44
C LEU A 513 1.49 12.66 -2.39
N ILE A 514 1.99 13.24 -3.48
CA ILE A 514 2.22 14.68 -3.55
C ILE A 514 0.96 15.36 -4.03
N SER A 515 0.55 16.41 -3.33
CA SER A 515 -0.61 17.21 -3.70
C SER A 515 -0.25 18.69 -3.60
N LEU A 516 -1.01 19.51 -4.32
CA LEU A 516 -0.82 20.97 -4.30
C LEU A 516 -2.19 21.60 -4.03
N ASP A 517 -2.36 22.16 -2.84
CA ASP A 517 -3.64 22.76 -2.44
C ASP A 517 -3.56 24.26 -2.67
N VAL A 518 -4.33 24.75 -3.65
CA VAL A 518 -4.40 26.16 -3.97
C VAL A 518 -5.76 26.68 -3.53
N GLY A 519 -5.75 27.77 -2.78
CA GLY A 519 -6.99 28.36 -2.31
C GLY A 519 -7.49 27.85 -0.98
N SER A 520 -6.64 27.19 -0.19
CA SER A 520 -6.98 26.71 1.16
C SER A 520 -8.22 25.81 1.14
N SER A 521 -8.21 24.84 0.23
CA SER A 521 -9.29 23.87 0.14
C SER A 521 -9.03 22.61 0.95
N VAL A 522 -7.83 22.46 1.51
CA VAL A 522 -7.48 21.29 2.32
C VAL A 522 -6.74 21.73 3.57
N ARG A 523 -5.76 22.61 3.40
CA ARG A 523 -4.84 22.97 4.47
C ARG A 523 -4.88 24.47 4.76
N SER A 524 -4.61 24.81 6.02
CA SER A 524 -4.48 26.20 6.46
C SER A 524 -3.04 26.66 6.24
N ILE A 525 -2.89 27.72 5.45
CA ILE A 525 -1.54 28.21 5.14
C ILE A 525 -0.92 28.89 6.35
N VAL A 526 -1.74 29.47 7.22
CA VAL A 526 -1.21 30.05 8.46
C VAL A 526 -0.66 28.95 9.35
N GLU A 527 -1.38 27.83 9.48
CA GLU A 527 -0.92 26.75 10.34
C GLU A 527 0.35 26.10 9.77
N ASP A 528 0.37 25.82 8.47
CA ASP A 528 1.52 25.15 7.85
C ASP A 528 2.76 26.04 7.79
N SER A 529 2.58 27.37 7.76
CA SER A 529 3.71 28.28 7.73
C SER A 529 4.26 28.62 9.11
N GLY A 530 3.42 28.55 10.14
CA GLY A 530 3.81 28.98 11.47
C GLY A 530 3.85 30.50 11.59
N VAL A 531 3.81 30.97 12.84
CA VAL A 531 3.74 32.40 13.12
C VAL A 531 4.96 32.80 13.93
N LYS A 532 5.49 33.99 13.64
CA LYS A 532 6.49 34.60 14.50
C LYS A 532 5.82 35.02 15.80
N ARG A 533 5.79 34.12 16.78
CA ARG A 533 4.96 34.35 17.97
C ARG A 533 5.42 35.59 18.73
N GLU A 534 6.72 35.72 18.97
CA GLU A 534 7.25 36.86 19.69
C GLU A 534 7.44 38.10 18.82
N GLN A 535 6.86 38.11 17.61
CA GLN A 535 6.90 39.28 16.74
C GLN A 535 5.52 39.79 16.39
N ILE A 536 4.50 39.45 17.17
CA ILE A 536 3.15 39.96 16.95
C ILE A 536 3.07 41.37 17.52
N LEU A 537 2.53 42.29 16.71
CA LEU A 537 2.46 43.70 17.06
C LEU A 537 1.00 44.11 17.19
N ILE A 538 0.69 44.81 18.27
CA ILE A 538 -0.66 45.28 18.56
C ILE A 538 -0.63 46.81 18.59
N ASP A 539 -1.36 47.43 17.66
CA ASP A 539 -1.45 48.88 17.56
C ASP A 539 -2.75 49.31 18.23
N LYS A 540 -2.63 49.98 19.38
CA LYS A 540 -3.83 50.39 20.12
C LYS A 540 -4.57 51.50 19.40
N THR A 541 -3.85 52.54 18.97
CA THR A 541 -4.51 53.69 18.34
C THR A 541 -5.08 53.34 16.97
N SER A 542 -4.49 52.36 16.29
CA SER A 542 -4.97 51.95 14.97
C SER A 542 -5.93 50.77 15.01
N GLY A 543 -5.89 49.96 16.06
CA GLY A 543 -6.73 48.78 16.11
C GLY A 543 -6.30 47.68 15.16
N LYS A 544 -5.02 47.63 14.82
CA LYS A 544 -4.49 46.64 13.89
C LYS A 544 -3.53 45.71 14.62
N VAL A 545 -3.76 44.41 14.48
CA VAL A 545 -2.89 43.38 15.02
C VAL A 545 -2.15 42.72 13.87
N THR A 546 -0.82 42.69 13.93
CA THR A 546 0.01 42.14 12.88
C THR A 546 0.61 40.81 13.36
N ILE A 547 0.40 39.76 12.58
CA ILE A 547 0.89 38.43 12.89
C ILE A 547 1.74 37.95 11.71
N PRO A 548 3.06 38.09 11.79
CA PRO A 548 3.90 37.69 10.66
C PRO A 548 4.00 36.18 10.55
N LEU A 549 3.96 35.70 9.31
CA LEU A 549 4.12 34.28 9.04
C LEU A 549 5.60 33.92 8.99
N ASN A 550 5.91 32.70 9.45
CA ASN A 550 7.30 32.27 9.56
C ASN A 550 7.83 31.74 8.23
N GLU A 551 7.64 30.45 7.98
CA GLU A 551 8.20 29.79 6.80
C GLU A 551 7.17 29.82 5.68
N ILE A 552 7.36 30.74 4.72
CA ILE A 552 6.48 30.84 3.57
C ILE A 552 7.21 31.62 2.48
N HIS A 553 7.06 31.18 1.24
CA HIS A 553 7.65 31.85 0.09
C HIS A 553 6.65 32.86 -0.46
N VAL A 554 7.05 34.14 -0.47
CA VAL A 554 6.16 35.23 -0.88
C VAL A 554 6.75 35.88 -2.12
N PHE A 555 5.93 35.99 -3.17
CA PHE A 555 6.32 36.64 -4.41
C PHE A 555 5.16 37.48 -4.93
N GLY A 556 5.43 38.72 -5.27
CA GLY A 556 4.41 39.62 -5.74
C GLY A 556 3.52 40.11 -4.60
N GLU A 557 2.50 40.88 -4.99
CA GLU A 557 1.54 41.42 -4.03
C GLU A 557 0.37 40.47 -3.88
N SER A 558 -0.09 40.31 -2.64
CA SER A 558 -1.23 39.45 -2.35
C SER A 558 -2.04 40.05 -1.21
N LEU A 559 -3.36 40.02 -1.36
CA LEU A 559 -4.27 40.47 -0.32
C LEU A 559 -5.46 39.52 -0.31
N ILE A 560 -5.53 38.65 0.69
CA ILE A 560 -6.57 37.66 0.82
C ILE A 560 -7.36 37.95 2.08
N GLU A 561 -8.68 38.04 1.95
CA GLU A 561 -9.55 38.46 3.04
C GLU A 561 -10.18 37.25 3.72
N GLY A 562 -10.15 37.27 5.06
CA GLY A 562 -10.81 36.27 5.88
C GLY A 562 -11.38 36.91 7.14
N ASN A 563 -11.28 36.22 8.28
CA ASN A 563 -11.74 36.77 9.53
C ASN A 563 -10.97 36.13 10.67
N ALA A 564 -11.24 36.56 11.89
CA ALA A 564 -10.57 36.03 13.06
C ALA A 564 -11.55 36.02 14.23
N GLU A 565 -11.50 34.94 15.01
CA GLU A 565 -12.38 34.78 16.15
C GLU A 565 -11.61 35.07 17.44
N LEU A 566 -12.20 35.88 18.31
CA LEU A 566 -11.61 36.25 19.59
C LEU A 566 -12.47 35.72 20.72
N LYS A 567 -11.83 35.11 21.71
CA LYS A 567 -12.51 34.63 22.91
C LYS A 567 -11.62 34.95 24.11
N PRO A 568 -12.18 35.54 25.16
CA PRO A 568 -11.36 35.85 26.34
C PRO A 568 -10.83 34.58 27.00
N VAL A 569 -9.60 34.65 27.47
CA VAL A 569 -8.94 33.49 28.07
C VAL A 569 -9.50 33.25 29.46
N GLY A 570 -9.80 31.99 29.76
CA GLY A 570 -10.29 31.62 31.08
C GLY A 570 -11.79 31.64 31.24
N ILE A 571 -12.54 32.03 30.22
CA ILE A 571 -14.00 32.03 30.26
C ILE A 571 -14.44 30.79 29.48
N SER A 572 -14.89 29.76 30.21
CA SER A 572 -15.12 28.46 29.59
C SER A 572 -16.19 28.54 28.50
N ASP A 573 -17.24 29.30 28.74
CA ASP A 573 -18.37 29.42 27.82
C ASP A 573 -18.33 30.73 27.03
N ALA A 574 -17.14 31.25 26.78
CA ALA A 574 -16.97 32.59 26.22
C ALA A 574 -17.67 32.71 24.86
N ASP A 575 -18.16 33.91 24.59
CA ASP A 575 -18.88 34.18 23.34
C ASP A 575 -17.89 34.62 22.27
N PRO A 576 -18.00 34.13 21.03
CA PRO A 576 -17.03 34.51 20.01
C PRO A 576 -17.19 35.97 19.59
N ILE A 577 -16.05 36.65 19.45
CA ILE A 577 -16.03 38.01 18.93
C ILE A 577 -15.49 37.98 17.51
N ASN A 578 -16.39 37.82 16.55
CA ASN A 578 -15.99 37.71 15.14
C ASN A 578 -15.55 39.06 14.62
N VAL A 579 -14.31 39.14 14.13
CA VAL A 579 -13.75 40.38 13.55
C VAL A 579 -13.20 40.09 12.16
N LYS A 580 -12.71 41.12 11.48
CA LYS A 580 -12.19 41.00 10.13
C LYS A 580 -10.67 40.85 10.15
N ALA A 581 -10.16 40.12 9.16
CA ALA A 581 -8.73 39.85 9.04
C ALA A 581 -8.35 39.77 7.57
N LYS A 582 -7.06 39.93 7.30
CA LYS A 582 -6.52 39.92 5.95
C LYS A 582 -5.17 39.23 5.94
N LEU A 583 -4.95 38.38 4.94
CA LEU A 583 -3.62 37.76 4.70
C LEU A 583 -2.97 38.63 3.63
N ILE A 584 -1.82 39.22 3.95
CA ILE A 584 -1.16 40.19 3.08
C ILE A 584 0.21 39.65 2.68
N GLY A 585 0.45 39.60 1.37
CA GLY A 585 1.76 39.28 0.86
C GLY A 585 2.42 40.51 0.25
N GLU A 586 3.58 40.88 0.76
CA GLU A 586 4.17 42.17 0.40
C GLU A 586 5.67 42.13 0.66
N ALA A 587 6.46 42.34 -0.39
CA ALA A 587 7.92 42.42 -0.28
C ALA A 587 8.50 41.14 0.30
N ASN A 588 8.13 40.01 -0.30
CA ASN A 588 8.68 38.69 0.06
C ASN A 588 8.41 38.34 1.51
N LYS A 589 7.34 38.86 2.08
CA LYS A 589 6.96 38.55 3.45
C LYS A 589 5.44 38.47 3.55
N ALA A 590 4.96 37.59 4.41
CA ALA A 590 3.53 37.38 4.62
C ALA A 590 3.17 37.70 6.07
N ARG A 591 1.94 38.18 6.25
CA ARG A 591 1.45 38.51 7.58
C ARG A 591 -0.07 38.51 7.54
N VAL A 592 -0.66 38.30 8.72
CA VAL A 592 -2.11 38.37 8.90
C VAL A 592 -2.41 39.58 9.77
N GLU A 593 -3.23 40.49 9.25
CA GLU A 593 -3.64 41.69 9.97
C GLU A 593 -5.07 41.49 10.48
N VAL A 594 -5.23 41.49 11.80
CA VAL A 594 -6.53 41.36 12.44
C VAL A 594 -7.02 42.75 12.80
N LEU A 595 -8.03 43.22 12.08
CA LEU A 595 -8.58 44.57 12.30
C LEU A 595 -9.54 44.54 13.48
N LEU A 596 -9.20 45.26 14.55
CA LEU A 596 -10.06 45.31 15.74
C LEU A 596 -10.92 46.58 15.69
N GLY A 597 -10.50 47.60 14.95
CA GLY A 597 -11.29 48.80 14.84
C GLY A 597 -11.45 49.49 16.18
N ASP A 598 -12.69 49.73 16.56
CA ASP A 598 -13.02 50.36 17.84
C ASP A 598 -13.75 49.40 18.77
N GLU A 599 -13.48 48.10 18.62
CA GLU A 599 -14.08 47.10 19.49
C GLU A 599 -13.58 47.28 20.92
N LYS A 600 -14.52 47.33 21.86
CA LYS A 600 -14.17 47.52 23.28
C LYS A 600 -13.64 46.21 23.82
N LEU A 601 -12.31 46.14 24.00
CA LEU A 601 -11.65 44.92 24.41
C LEU A 601 -10.63 45.22 25.50
N SER A 602 -10.47 44.25 26.41
CA SER A 602 -9.46 44.34 27.46
C SER A 602 -9.24 42.96 28.05
N GLY A 603 -7.98 42.66 28.38
CA GLY A 603 -7.62 41.36 28.90
C GLY A 603 -6.92 40.51 27.87
N GLU A 604 -6.72 39.24 28.23
CA GLU A 604 -6.09 38.28 27.34
C GLU A 604 -7.14 37.57 26.51
N TYR A 605 -6.82 37.32 25.24
CA TYR A 605 -7.76 36.73 24.29
C TYR A 605 -7.08 35.64 23.49
N HIS A 606 -7.90 34.75 22.93
CA HIS A 606 -7.45 33.76 21.97
C HIS A 606 -7.70 34.29 20.57
N LEU A 607 -6.67 34.26 19.73
CA LEU A 607 -6.79 34.66 18.31
C LEU A 607 -6.71 33.41 17.46
N VAL A 608 -7.69 33.22 16.57
CA VAL A 608 -7.73 32.10 15.66
C VAL A 608 -8.04 32.67 14.28
N THR A 609 -7.04 32.66 13.40
CA THR A 609 -7.25 33.17 12.05
C THR A 609 -8.17 32.26 11.27
N ASN A 610 -8.92 32.85 10.33
CA ASN A 610 -9.83 32.11 9.45
C ASN A 610 -9.66 32.70 8.04
N ILE A 611 -8.58 32.31 7.38
CA ILE A 611 -8.26 32.77 6.03
C ILE A 611 -8.76 31.72 5.04
N GLN A 612 -9.67 32.13 4.16
CA GLN A 612 -10.23 31.26 3.12
C GLN A 612 -10.91 30.02 3.72
N GLY A 613 -11.60 30.20 4.83
CA GLY A 613 -12.36 29.11 5.42
C GLY A 613 -11.52 28.03 6.05
N LYS A 614 -10.31 28.35 6.52
CA LYS A 614 -9.42 27.38 7.16
C LYS A 614 -8.82 28.03 8.40
N LYS A 615 -9.06 27.41 9.56
CA LYS A 615 -8.58 27.93 10.82
C LYS A 615 -7.24 27.31 11.19
N ASP A 616 -6.41 28.11 11.85
CA ASP A 616 -5.10 27.65 12.28
C ASP A 616 -5.19 27.05 13.68
N LYS A 617 -4.12 26.38 14.08
CA LYS A 617 -4.01 25.75 15.40
C LYS A 617 -2.72 26.19 16.07
N GLN A 618 -2.37 27.47 15.92
CA GLN A 618 -1.11 27.99 16.41
C GLN A 618 -1.18 28.52 17.84
N GLN A 619 -2.34 28.46 18.48
CA GLN A 619 -2.49 28.83 19.89
C GLN A 619 -2.07 30.28 20.13
N ILE A 620 -2.57 31.17 19.28
CA ILE A 620 -2.21 32.59 19.36
C ILE A 620 -2.98 33.22 20.52
N LYS A 621 -2.25 33.89 21.41
CA LYS A 621 -2.85 34.65 22.51
C LYS A 621 -2.44 36.10 22.39
N ILE A 622 -3.29 37.00 22.90
CA ILE A 622 -3.07 38.44 22.77
C ILE A 622 -3.65 39.13 23.99
N THR A 623 -2.91 40.11 24.51
CA THR A 623 -3.33 40.94 25.63
C THR A 623 -3.64 42.35 25.12
N LEU A 624 -4.83 42.85 25.47
CA LEU A 624 -5.27 44.17 25.02
C LEU A 624 -5.56 45.08 26.20
N ILE B 22 4.26 -28.07 40.66
CA ILE B 22 3.84 -26.79 40.10
C ILE B 22 2.41 -26.45 40.54
N SER B 23 2.22 -25.25 41.09
CA SER B 23 0.90 -24.76 41.44
C SER B 23 0.54 -23.59 40.53
N VAL B 24 -0.63 -23.66 39.91
CA VAL B 24 -1.11 -22.63 39.01
C VAL B 24 -2.13 -21.78 39.75
N VAL B 25 -1.97 -20.47 39.67
CA VAL B 25 -2.94 -19.54 40.26
C VAL B 25 -3.91 -19.11 39.17
N VAL B 26 -5.16 -18.90 39.56
CA VAL B 26 -6.19 -18.46 38.62
C VAL B 26 -7.00 -17.35 39.28
N PRO B 27 -6.84 -16.10 38.85
CA PRO B 27 -7.66 -15.02 39.41
C PRO B 27 -8.91 -14.78 38.60
N THR B 28 -10.07 -14.88 39.24
CA THR B 28 -11.34 -14.60 38.59
C THR B 28 -11.62 -13.10 38.65
N TYR B 29 -11.82 -12.49 37.49
CA TYR B 29 -12.22 -11.08 37.40
C TYR B 29 -13.34 -11.04 36.37
N ASN B 30 -14.59 -11.02 36.86
CA ASN B 30 -15.77 -11.17 36.01
C ASN B 30 -15.71 -12.47 35.22
N THR B 31 -15.38 -13.56 35.92
CA THR B 31 -15.25 -14.87 35.29
C THR B 31 -16.30 -15.85 35.81
N GLY B 35 -14.63 -18.63 28.64
CA GLY B 35 -13.31 -18.25 29.13
C GLY B 35 -12.82 -19.12 30.27
N LEU B 36 -13.73 -19.43 31.21
CA LEU B 36 -13.36 -20.25 32.35
C LEU B 36 -13.18 -21.70 31.95
N LYS B 37 -14.11 -22.25 31.16
CA LYS B 37 -13.93 -23.58 30.60
C LYS B 37 -12.76 -23.61 29.62
N ASN B 38 -12.55 -22.51 28.89
CA ASN B 38 -11.46 -22.46 27.92
C ASN B 38 -10.11 -22.60 28.60
N LEU B 39 -9.92 -21.91 29.73
CA LEU B 39 -8.63 -21.95 30.41
C LEU B 39 -8.32 -23.34 30.96
N MSE B 40 -9.35 -24.08 31.37
CA MSE B 40 -9.15 -25.44 31.89
C MSE B 40 -8.90 -26.42 30.75
O MSE B 40 -8.15 -27.38 30.90
CB MSE B 40 -10.35 -25.88 32.71
CG MSE B 40 -10.48 -25.17 34.04
SE MSE B 40 -8.89 -25.41 35.15
CE MSE B 40 -8.91 -27.36 35.26
N ALA B 41 -9.55 -26.19 29.61
CA ALA B 41 -9.36 -27.04 28.44
C ALA B 41 -7.97 -26.89 27.82
N SER B 42 -7.29 -25.79 28.11
CA SER B 42 -5.92 -25.60 27.63
C SER B 42 -4.89 -26.12 28.62
N ILE B 43 -5.19 -26.00 29.92
CA ILE B 43 -4.23 -26.39 30.94
C ILE B 43 -4.12 -27.91 31.05
N ASP B 44 -5.18 -28.63 30.68
CA ASP B 44 -5.16 -30.08 30.80
C ASP B 44 -4.35 -30.77 29.70
N LYS B 45 -3.92 -30.02 28.68
CA LYS B 45 -3.15 -30.59 27.58
C LYS B 45 -1.64 -30.59 27.86
N GLN B 46 -1.22 -30.63 29.12
CA GLN B 46 0.19 -30.60 29.45
C GLN B 46 0.77 -32.01 29.49
N THR B 47 2.09 -32.09 29.30
CA THR B 47 2.76 -33.37 29.19
C THR B 47 3.06 -33.97 30.55
N MSE B 48 3.40 -33.14 31.53
CA MSE B 48 3.77 -33.60 32.86
C MSE B 48 2.61 -34.35 33.52
O MSE B 48 1.45 -34.15 33.17
CB MSE B 48 4.20 -32.41 33.73
CG MSE B 48 4.89 -32.80 35.02
SE MSE B 48 5.51 -31.26 36.05
CE MSE B 48 3.81 -30.31 36.20
N ASN B 49 2.95 -35.23 34.47
CA ASN B 49 1.93 -35.98 35.19
C ASN B 49 0.92 -35.02 35.84
N PRO B 50 -0.38 -35.26 35.67
CA PRO B 50 -1.36 -34.34 36.28
C PRO B 50 -1.26 -34.27 37.79
N ASP B 51 -0.98 -35.38 38.47
CA ASP B 51 -0.79 -35.34 39.92
C ASP B 51 0.53 -34.70 40.33
N GLU B 52 1.28 -34.12 39.38
CA GLU B 52 2.50 -33.38 39.69
C GLU B 52 2.31 -31.87 39.63
N TYR B 53 1.18 -31.38 39.14
CA TYR B 53 0.88 -29.96 39.18
C TYR B 53 -0.44 -29.71 39.89
N GLU B 54 -0.50 -28.57 40.57
CA GLU B 54 -1.65 -28.14 41.35
C GLU B 54 -2.27 -26.90 40.72
N LEU B 55 -3.54 -26.67 41.01
CA LEU B 55 -4.27 -25.50 40.53
C LEU B 55 -4.93 -24.81 41.70
N VAL B 56 -4.74 -23.49 41.81
CA VAL B 56 -5.26 -22.70 42.91
C VAL B 56 -6.20 -21.65 42.35
N PHE B 57 -7.40 -21.57 42.93
CA PHE B 57 -8.40 -20.57 42.56
C PHE B 57 -8.71 -19.70 43.77
N VAL B 58 -9.14 -18.47 43.50
CA VAL B 58 -9.49 -17.52 44.55
C VAL B 58 -10.73 -16.75 44.12
N ASP B 59 -11.76 -16.76 44.97
CA ASP B 59 -13.02 -16.01 44.71
C ASP B 59 -13.58 -15.56 46.06
N ASP B 60 -13.25 -14.34 46.49
CA ASP B 60 -13.68 -13.85 47.79
C ASP B 60 -14.60 -12.64 47.64
N TYR B 67 -18.75 -18.47 40.25
CA TYR B 67 -18.22 -19.15 41.43
C TYR B 67 -18.97 -20.43 41.76
N GLU B 68 -20.30 -20.36 41.73
CA GLU B 68 -21.09 -21.56 41.98
C GLU B 68 -20.78 -22.62 40.95
N ARG B 69 -20.50 -22.18 39.72
CA ARG B 69 -19.97 -23.07 38.70
C ARG B 69 -18.50 -23.42 38.93
N LEU B 70 -17.76 -22.59 39.68
CA LEU B 70 -16.36 -22.98 40.03
C LEU B 70 -16.43 -24.25 40.87
N GLN B 71 -17.24 -24.27 41.94
CA GLN B 71 -17.34 -25.46 42.79
C GLN B 71 -17.61 -26.71 41.97
N GLU B 72 -18.45 -26.61 40.94
CA GLU B 72 -18.80 -27.78 40.15
C GLU B 72 -17.65 -28.25 39.29
N PHE B 73 -16.73 -27.36 38.91
CA PHE B 73 -15.56 -27.77 38.15
C PHE B 73 -14.49 -28.42 39.02
N ALA B 74 -14.52 -28.18 40.33
CA ALA B 74 -13.57 -28.77 41.26
C ALA B 74 -13.95 -30.16 41.71
N GLU B 75 -15.25 -30.45 41.77
CA GLU B 75 -15.70 -31.77 42.17
C GLU B 75 -15.55 -32.80 41.05
N THR B 76 -15.45 -32.34 39.80
CA THR B 76 -15.37 -33.28 38.69
C THR B 76 -14.01 -33.96 38.62
N ARG B 77 -12.94 -33.28 39.02
CA ARG B 77 -11.59 -33.83 38.93
C ARG B 77 -10.74 -33.24 40.04
N PRO B 78 -9.68 -33.94 40.46
CA PRO B 78 -9.10 -33.66 41.78
C PRO B 78 -8.26 -32.40 41.90
N ASN B 79 -7.35 -32.14 40.97
CA ASN B 79 -6.30 -31.14 41.19
C ASN B 79 -6.79 -29.71 41.00
N MSE B 80 -7.89 -29.35 41.65
CA MSE B 80 -8.43 -28.02 41.46
C MSE B 80 -9.05 -27.44 42.73
O MSE B 80 -10.21 -27.71 43.06
CB MSE B 80 -9.47 -28.01 40.36
CG MSE B 80 -9.24 -26.96 39.29
SE MSE B 80 -10.82 -26.71 38.20
CE MSE B 80 -12.01 -26.13 39.61
N THR B 81 -8.28 -26.62 43.45
CA THR B 81 -8.77 -25.99 44.66
C THR B 81 -9.55 -24.73 44.33
N VAL B 82 -10.58 -24.46 45.13
CA VAL B 82 -11.39 -23.26 44.97
C VAL B 82 -11.28 -22.37 46.20
N SER B 92 -3.27 -9.44 42.39
CA SER B 92 -3.25 -8.53 43.53
C SER B 92 -3.73 -9.25 44.79
N ARG B 93 -4.77 -8.71 45.42
CA ARG B 93 -5.35 -9.36 46.59
C ARG B 93 -5.75 -10.81 46.34
N PRO B 94 -6.38 -11.18 45.21
CA PRO B 94 -6.69 -12.60 44.99
C PRO B 94 -5.45 -13.47 44.78
N ARG B 95 -4.36 -12.90 44.30
CA ARG B 95 -3.17 -13.68 44.00
C ARG B 95 -2.17 -13.72 45.15
N ASN B 96 -2.25 -12.79 46.11
CA ASN B 96 -1.33 -12.83 47.24
C ASN B 96 -1.75 -13.86 48.28
N ILE B 97 -3.06 -14.01 48.47
CA ILE B 97 -3.57 -15.08 49.33
C ILE B 97 -3.23 -16.45 48.74
N ALA B 98 -3.32 -16.56 47.41
CA ALA B 98 -3.05 -17.85 46.77
C ALA B 98 -1.57 -18.24 46.81
N THR B 99 -0.68 -17.29 47.09
CA THR B 99 0.75 -17.59 47.12
C THR B 99 1.09 -18.52 48.29
N LYS B 100 0.61 -18.19 49.49
CA LYS B 100 0.83 -19.08 50.63
C LYS B 100 -0.08 -20.29 50.57
N MSE B 101 -1.23 -20.16 49.91
CA MSE B 101 -2.22 -21.22 49.82
C MSE B 101 -1.72 -22.42 48.99
O MSE B 101 -2.26 -23.52 49.11
CB MSE B 101 -3.52 -20.66 49.24
CG MSE B 101 -4.73 -21.57 49.34
SE MSE B 101 -6.33 -20.74 48.59
CE MSE B 101 -7.62 -22.17 48.95
N ALA B 102 -0.71 -22.18 48.17
CA ALA B 102 -0.21 -23.20 47.26
C ALA B 102 0.81 -24.10 47.95
N LYS B 103 1.00 -25.29 47.37
CA LYS B 103 1.95 -26.29 47.87
C LYS B 103 2.82 -26.83 46.75
N GLY B 104 3.09 -26.03 45.73
CA GLY B 104 3.95 -26.43 44.63
C GLY B 104 5.34 -25.83 44.76
N GLU B 105 6.32 -26.52 44.17
CA GLU B 105 7.70 -26.03 44.23
C GLU B 105 7.84 -24.71 43.48
N TYR B 106 7.42 -24.68 42.22
CA TYR B 106 7.36 -23.46 41.43
C TYR B 106 5.91 -23.12 41.12
N ILE B 107 5.63 -21.83 40.98
CA ILE B 107 4.28 -21.34 40.72
C ILE B 107 4.33 -20.32 39.61
N LEU B 108 3.30 -20.32 38.76
CA LEU B 108 3.17 -19.39 37.66
C LEU B 108 1.92 -18.55 37.85
N TYR B 109 1.91 -17.38 37.21
CA TYR B 109 0.78 -16.46 37.29
C TYR B 109 0.12 -16.42 35.90
N LEU B 110 -0.91 -17.24 35.74
CA LEU B 110 -1.62 -17.36 34.48
C LEU B 110 -2.72 -16.30 34.41
N ASP B 111 -2.70 -15.49 33.35
CA ASP B 111 -3.70 -14.46 33.17
C ASP B 111 -4.84 -14.97 32.29
N HIS B 112 -5.83 -14.11 32.06
CA HIS B 112 -6.99 -14.50 31.28
C HIS B 112 -6.65 -14.68 29.81
N ASP B 113 -7.26 -15.68 29.17
CA ASP B 113 -7.15 -16.00 27.74
C ASP B 113 -5.75 -16.37 27.30
N ASP B 114 -4.80 -16.55 28.22
CA ASP B 114 -3.43 -16.86 27.85
C ASP B 114 -3.23 -18.36 27.72
N THR B 115 -2.38 -18.74 26.77
CA THR B 115 -2.08 -20.12 26.44
C THR B 115 -0.69 -20.50 26.94
N VAL B 116 -0.51 -21.78 27.23
CA VAL B 116 0.77 -22.34 27.63
C VAL B 116 1.04 -23.57 26.77
N PHE B 117 2.22 -23.60 26.14
CA PHE B 117 2.54 -24.64 25.17
C PHE B 117 2.62 -26.02 25.86
N PRO B 118 2.52 -27.10 25.08
CA PRO B 118 2.35 -28.43 25.72
C PRO B 118 3.51 -28.86 26.62
N GLU B 119 4.75 -28.78 26.14
CA GLU B 119 5.88 -29.36 26.86
C GLU B 119 6.49 -28.43 27.89
N THR B 120 5.89 -27.26 28.15
CA THR B 120 6.54 -26.28 29.00
C THR B 120 6.60 -26.75 30.45
N PHE B 121 5.49 -27.27 30.98
CA PHE B 121 5.43 -27.69 32.41
C PHE B 121 6.69 -28.47 32.79
N GLU B 122 6.94 -29.60 32.13
CA GLU B 122 8.10 -30.43 32.47
C GLU B 122 9.41 -29.73 32.14
N ARG B 123 9.48 -29.04 31.00
CA ARG B 123 10.73 -28.40 30.60
C ARG B 123 11.13 -27.30 31.56
N VAL B 124 10.15 -26.61 32.16
CA VAL B 124 10.48 -25.56 33.12
C VAL B 124 10.85 -26.15 34.47
N TYR B 125 10.19 -27.24 34.87
CA TYR B 125 10.49 -27.87 36.16
C TYR B 125 11.90 -28.45 36.16
N ASN B 126 12.25 -29.19 35.11
CA ASN B 126 13.57 -29.82 35.05
C ASN B 126 14.68 -28.78 34.92
N PHE B 127 14.38 -27.62 34.32
CA PHE B 127 15.39 -26.58 34.17
C PHE B 127 15.60 -25.82 35.47
N GLY B 128 14.56 -25.64 36.28
CA GLY B 128 14.72 -24.94 37.54
C GLY B 128 15.25 -25.80 38.66
N LYS B 129 14.97 -27.10 38.62
CA LYS B 129 15.44 -27.99 39.67
C LYS B 129 16.94 -28.27 39.52
N GLU B 130 17.37 -28.66 38.33
CA GLU B 130 18.78 -28.97 38.10
C GLU B 130 19.68 -27.75 38.18
N ASN B 131 19.12 -26.55 38.24
CA ASN B 131 19.90 -25.33 38.36
C ASN B 131 19.59 -24.53 39.61
N ASN B 132 18.62 -24.98 40.42
CA ASN B 132 18.27 -24.35 41.70
C ASN B 132 17.99 -22.86 41.51
N LEU B 133 17.03 -22.58 40.64
CA LEU B 133 16.68 -21.20 40.30
C LEU B 133 15.54 -20.70 41.18
N ASP B 134 15.67 -19.46 41.66
CA ASP B 134 14.57 -18.84 42.39
C ASP B 134 13.44 -18.41 41.46
N VAL B 135 13.78 -18.02 40.22
CA VAL B 135 12.79 -17.67 39.21
C VAL B 135 13.39 -18.01 37.85
N VAL B 136 12.55 -18.42 36.92
CA VAL B 136 12.99 -18.76 35.57
C VAL B 136 12.06 -18.10 34.57
N SER B 137 12.65 -17.52 33.52
CA SER B 137 11.92 -16.77 32.50
C SER B 137 11.96 -17.57 31.19
N GLY B 138 10.94 -18.39 30.97
CA GLY B 138 10.83 -19.12 29.73
C GLY B 138 10.47 -18.22 28.56
N LYS B 139 10.75 -18.73 27.36
CA LYS B 139 10.54 -17.93 26.15
C LYS B 139 9.07 -17.58 25.98
N GLU B 140 8.77 -16.29 25.90
CA GLU B 140 7.41 -15.79 25.79
C GLU B 140 7.10 -15.46 24.33
N VAL B 141 5.81 -15.55 24.00
CA VAL B 141 5.33 -15.43 22.63
C VAL B 141 4.18 -14.42 22.60
N ARG B 142 4.22 -13.51 21.62
CA ARG B 142 3.15 -12.55 21.38
C ARG B 142 2.54 -12.81 20.01
N THR B 143 1.31 -12.34 19.82
CA THR B 143 0.61 -12.56 18.56
C THR B 143 1.21 -11.72 17.44
N ASN B 144 1.43 -10.43 17.70
CA ASN B 144 1.95 -9.52 16.69
C ASN B 144 3.44 -9.26 16.93
N GLY B 145 4.08 -8.70 15.92
CA GLY B 145 5.50 -8.41 15.98
C GLY B 145 6.35 -9.54 15.42
N TRP B 146 7.64 -9.27 15.30
CA TRP B 146 8.60 -10.24 14.80
C TRP B 146 9.59 -10.72 15.85
N SER B 147 9.51 -10.20 17.06
CA SER B 147 10.40 -10.65 18.13
C SER B 147 9.78 -10.29 19.47
N TRP B 148 10.30 -10.93 20.52
CA TRP B 148 9.91 -10.60 21.89
C TRP B 148 11.03 -11.07 22.80
N GLY B 149 11.71 -10.13 23.44
CA GLY B 149 12.90 -10.45 24.21
C GLY B 149 14.04 -10.83 23.29
N TRP B 150 14.30 -9.99 22.29
CA TRP B 150 15.30 -10.31 21.28
C TRP B 150 16.69 -10.47 21.90
N LYS B 151 17.07 -9.56 22.79
CA LYS B 151 18.40 -9.61 23.37
C LYS B 151 18.51 -10.74 24.40
N GLN B 152 17.63 -10.76 25.39
CA GLN B 152 17.76 -11.70 26.49
C GLN B 152 17.46 -13.13 26.05
N PHE B 153 16.42 -13.32 25.25
CA PHE B 153 15.93 -14.66 24.93
C PHE B 153 16.55 -15.22 23.66
N SER B 154 17.87 -15.07 23.51
CA SER B 154 18.61 -15.61 22.38
C SER B 154 19.31 -16.91 22.71
N GLU B 155 19.85 -17.04 23.92
CA GLU B 155 20.60 -18.22 24.32
C GLU B 155 20.24 -18.57 25.76
N ASN B 156 20.21 -19.87 26.06
CA ASN B 156 19.92 -20.30 27.42
C ASN B 156 21.05 -19.89 28.36
N ASN B 157 20.67 -19.53 29.58
CA ASN B 157 21.64 -19.12 30.60
C ASN B 157 21.10 -19.43 31.99
N PRO B 158 21.42 -20.58 32.59
CA PRO B 158 20.92 -20.87 33.94
C PRO B 158 21.58 -20.02 35.01
N HIS B 159 22.69 -19.34 34.71
CA HIS B 159 23.31 -18.42 35.66
C HIS B 159 23.20 -17.00 35.14
N ALA B 160 22.01 -16.60 34.74
CA ALA B 160 21.78 -15.33 34.07
C ALA B 160 21.79 -14.13 35.01
N GLU B 161 21.76 -14.35 36.32
CA GLU B 161 21.77 -13.22 37.26
C GLU B 161 23.12 -12.52 37.33
N GLU B 162 24.14 -13.04 36.63
CA GLU B 162 25.46 -12.42 36.67
C GLU B 162 25.50 -11.09 35.95
N MSE B 163 24.66 -10.91 34.93
CA MSE B 163 24.71 -9.71 34.09
C MSE B 163 24.02 -8.51 34.74
O MSE B 163 24.35 -7.36 34.44
CB MSE B 163 24.10 -9.99 32.72
CG MSE B 163 22.65 -10.45 32.77
SE MSE B 163 22.05 -11.18 31.06
CE MSE B 163 23.33 -12.64 30.89
N GLY B 164 23.07 -8.79 35.63
CA GLY B 164 22.36 -7.73 36.33
C GLY B 164 20.88 -7.92 36.21
N ILE B 165 20.13 -6.84 36.49
CA ILE B 165 18.68 -6.88 36.47
C ILE B 165 18.11 -6.96 35.05
N GLU B 166 18.96 -6.84 34.02
CA GLU B 166 18.49 -6.91 32.65
C GLU B 166 17.94 -8.28 32.28
N CYS B 167 18.36 -9.33 33.00
CA CYS B 167 17.99 -10.70 32.62
C CYS B 167 16.49 -10.93 32.74
N LEU B 168 15.81 -10.18 33.61
CA LEU B 168 14.38 -10.34 33.78
C LEU B 168 13.56 -9.61 32.72
N LEU B 169 14.21 -8.89 31.79
CA LEU B 169 13.47 -8.22 30.74
C LEU B 169 13.12 -9.22 29.63
N PRO B 170 11.92 -9.12 29.04
CA PRO B 170 10.86 -8.18 29.45
C PRO B 170 10.14 -8.64 30.71
N MSE B 171 9.96 -7.73 31.67
CA MSE B 171 9.40 -8.08 32.96
C MSE B 171 7.91 -8.32 32.91
O MSE B 171 7.11 -7.55 33.44
CB MSE B 171 9.72 -6.98 33.98
CG MSE B 171 11.18 -6.92 34.41
SE MSE B 171 11.54 -5.53 35.72
CE MSE B 171 13.44 -5.87 36.02
N THR B 172 7.52 -9.43 32.29
CA THR B 172 6.13 -9.86 32.30
C THR B 172 5.86 -10.68 33.56
N PRO B 173 4.59 -10.72 34.02
CA PRO B 173 4.27 -11.54 35.20
C PRO B 173 4.17 -13.02 34.87
N HIS B 174 4.68 -13.40 33.70
CA HIS B 174 4.46 -14.73 33.15
C HIS B 174 5.66 -15.65 33.37
N LYS B 175 6.46 -15.38 34.40
CA LYS B 175 7.59 -16.24 34.72
C LYS B 175 7.19 -17.25 35.79
N PHE B 176 8.11 -18.14 36.13
CA PHE B 176 7.88 -19.18 37.14
C PHE B 176 8.64 -18.82 38.40
N TYR B 177 7.91 -18.76 39.52
CA TYR B 177 8.48 -18.32 40.79
C TYR B 177 8.41 -19.45 41.81
N LYS B 178 9.40 -19.48 42.70
CA LYS B 178 9.45 -20.46 43.78
C LYS B 178 8.77 -19.88 45.02
N ARG B 179 7.89 -20.68 45.64
CA ARG B 179 7.18 -20.21 46.82
C ARG B 179 8.13 -19.89 47.96
N GLU B 180 9.25 -20.60 48.06
CA GLU B 180 10.22 -20.34 49.12
C GLU B 180 10.74 -18.91 49.02
N PHE B 181 11.26 -18.52 47.86
CA PHE B 181 11.85 -17.19 47.71
C PHE B 181 10.80 -16.09 47.86
N LEU B 182 9.55 -16.37 47.49
CA LEU B 182 8.50 -15.36 47.62
C LEU B 182 8.08 -15.19 49.07
N LEU B 183 7.87 -16.30 49.78
CA LEU B 183 7.44 -16.22 51.18
C LEU B 183 8.59 -15.80 52.09
N GLU B 184 9.79 -16.29 51.82
CA GLU B 184 10.94 -15.97 52.66
C GLU B 184 11.33 -14.50 52.56
N ASN B 185 11.14 -13.88 51.39
CA ASN B 185 11.48 -12.48 51.17
C ASN B 185 10.27 -11.56 51.16
N ASP B 186 9.05 -12.12 51.26
CA ASP B 186 7.81 -11.35 51.34
C ASP B 186 7.66 -10.42 50.13
N ILE B 187 7.63 -11.04 48.95
CA ILE B 187 7.48 -10.35 47.67
C ILE B 187 6.07 -10.59 47.20
N THR B 188 5.38 -9.51 46.83
CA THR B 188 3.92 -9.53 46.82
C THR B 188 3.43 -8.44 45.88
N PHE B 189 2.47 -8.79 45.03
CA PHE B 189 1.73 -7.79 44.26
C PHE B 189 1.20 -6.71 45.21
N ASP B 190 1.58 -5.46 44.95
CA ASP B 190 1.10 -4.36 45.78
C ASP B 190 -0.42 -4.29 45.74
N ASP B 191 -1.08 -4.82 46.76
CA ASP B 191 -2.52 -4.69 46.85
C ASP B 191 -2.91 -3.22 46.99
N GLY B 192 -4.10 -2.91 46.50
CA GLY B 192 -4.62 -1.56 46.56
C GLY B 192 -5.07 -1.11 45.19
N ALA B 193 -5.15 0.21 45.02
CA ALA B 193 -5.58 0.79 43.76
C ALA B 193 -4.71 0.29 42.61
N ARG B 194 -5.33 0.12 41.45
CA ARG B 194 -4.65 -0.45 40.29
C ARG B 194 -3.41 0.34 39.95
N VAL B 195 -2.27 -0.35 39.88
CA VAL B 195 -0.95 0.30 39.66
C VAL B 195 -0.38 -0.18 38.35
N LEU B 196 0.15 0.73 37.54
CA LEU B 196 0.75 0.34 36.28
C LEU B 196 2.17 -0.16 36.51
N TRP B 197 2.56 -1.18 35.74
CA TRP B 197 3.86 -1.82 35.85
C TRP B 197 4.06 -2.50 37.21
N GLU B 198 2.99 -3.06 37.77
CA GLU B 198 3.14 -3.90 38.95
C GLU B 198 4.01 -5.12 38.66
N ASP B 199 4.09 -5.53 37.38
CA ASP B 199 4.98 -6.65 36.98
C ASP B 199 6.42 -6.17 37.15
N VAL B 200 6.69 -4.88 36.90
CA VAL B 200 8.03 -4.35 37.12
C VAL B 200 8.34 -4.31 38.61
N TYR B 201 7.35 -3.96 39.44
CA TYR B 201 7.54 -4.02 40.89
C TYR B 201 7.79 -5.45 41.33
N PHE B 202 6.93 -6.39 40.92
CA PHE B 202 7.04 -7.76 41.40
C PHE B 202 8.31 -8.44 40.89
N ASN B 203 8.79 -8.07 39.71
CA ASN B 203 10.01 -8.68 39.20
C ASN B 203 11.27 -8.00 39.74
N SER B 204 11.20 -6.68 39.98
CA SER B 204 12.36 -5.99 40.54
C SER B 204 12.57 -6.36 42.00
N LYS B 205 11.50 -6.35 42.80
CA LYS B 205 11.60 -6.72 44.20
C LYS B 205 12.22 -8.10 44.38
N ALA B 206 11.94 -9.01 43.46
CA ALA B 206 12.56 -10.33 43.51
C ALA B 206 14.07 -10.24 43.30
N PHE B 207 14.50 -9.46 42.31
CA PHE B 207 15.92 -9.38 41.98
C PHE B 207 16.69 -8.59 43.04
N ILE B 208 16.07 -7.54 43.59
CA ILE B 208 16.73 -6.75 44.63
C ILE B 208 17.07 -7.62 45.83
N HIS B 209 16.22 -8.60 46.14
CA HIS B 209 16.44 -9.45 47.30
C HIS B 209 17.35 -10.62 46.95
N GLY B 210 18.23 -10.43 45.96
CA GLY B 210 19.18 -11.45 45.57
C GLY B 210 18.57 -12.71 45.03
N ALA B 211 17.91 -12.63 43.87
CA ALA B 211 17.29 -13.78 43.24
C ALA B 211 18.23 -14.39 42.19
N LYS B 212 18.16 -15.71 42.08
CA LYS B 212 18.87 -16.46 41.04
C LYS B 212 17.88 -16.82 39.95
N VAL B 213 18.19 -16.41 38.71
CA VAL B 213 17.26 -16.53 37.60
C VAL B 213 17.98 -17.10 36.38
N GLY B 214 17.30 -17.99 35.68
CA GLY B 214 17.81 -18.55 34.43
C GLY B 214 16.89 -18.22 33.28
N ILE B 215 17.47 -17.97 32.11
CA ILE B 215 16.72 -17.66 30.90
C ILE B 215 16.57 -18.95 30.10
N LEU B 216 15.33 -19.32 29.80
CA LEU B 216 15.01 -20.53 29.05
C LEU B 216 14.52 -20.13 27.67
N ALA B 217 15.47 -19.86 26.77
CA ALA B 217 15.17 -19.59 25.37
C ALA B 217 15.13 -20.85 24.53
N ASP B 218 15.33 -22.02 25.14
CA ASP B 218 15.36 -23.26 24.39
C ASP B 218 13.98 -23.61 23.83
N TYR B 219 12.92 -23.29 24.57
CA TYR B 219 11.58 -23.73 24.25
C TYR B 219 10.57 -22.62 24.56
N PRO B 220 9.59 -22.40 23.67
CA PRO B 220 8.59 -21.35 23.93
C PRO B 220 7.62 -21.80 25.02
N THR B 221 7.40 -20.91 25.99
CA THR B 221 6.58 -21.28 27.15
C THR B 221 5.25 -20.53 27.17
N TYR B 222 5.27 -19.27 27.60
CA TYR B 222 4.05 -18.51 27.79
C TYR B 222 3.62 -17.80 26.52
N TYR B 223 2.31 -17.81 26.27
CA TYR B 223 1.70 -17.12 25.13
C TYR B 223 0.78 -16.04 25.68
N TRP B 224 1.11 -14.78 25.42
CA TRP B 224 0.35 -13.65 25.90
C TRP B 224 -0.57 -13.14 24.79
N ILE B 225 -1.88 -13.20 25.03
CA ILE B 225 -2.87 -12.78 24.04
C ILE B 225 -3.23 -11.30 24.18
N ALA B 226 -3.06 -10.72 25.37
CA ALA B 226 -3.36 -9.31 25.65
C ALA B 226 -4.85 -9.04 25.55
N THR B 227 -5.24 -8.11 24.68
CA THR B 227 -6.63 -7.67 24.55
C THR B 227 -7.19 -7.18 25.88
N GLY B 236 -4.18 3.33 32.19
CA GLY B 236 -3.60 4.66 32.29
C GLY B 236 -3.91 5.53 31.09
N ARG B 237 -5.20 5.81 30.89
CA ARG B 237 -5.63 6.64 29.77
C ARG B 237 -5.60 8.14 30.10
N ASP B 238 -5.87 8.50 31.35
CA ASP B 238 -5.79 9.90 31.75
C ASP B 238 -4.34 10.36 31.76
N PRO B 239 -4.05 11.55 31.25
CA PRO B 239 -2.65 12.02 31.23
C PRO B 239 -2.08 12.28 32.61
N HIS B 240 -2.90 12.74 33.56
CA HIS B 240 -2.41 12.95 34.92
C HIS B 240 -2.20 11.64 35.66
N GLU B 241 -3.08 10.66 35.42
CA GLU B 241 -2.87 9.33 35.98
C GLU B 241 -1.60 8.70 35.42
N LYS B 242 -1.33 8.92 34.14
CA LYS B 242 -0.18 8.30 33.49
C LYS B 242 1.13 8.76 34.14
N TRP B 243 1.29 10.06 34.34
CA TRP B 243 2.54 10.58 34.86
C TRP B 243 2.64 10.56 36.37
N ASN B 244 1.52 10.49 37.08
CA ASN B 244 1.59 10.16 38.50
C ASN B 244 2.11 8.74 38.68
N GLN B 245 1.74 7.83 37.79
CA GLN B 245 2.24 6.46 37.87
C GLN B 245 3.70 6.38 37.45
N ILE B 246 4.10 7.16 36.44
CA ILE B 246 5.50 7.18 36.02
C ILE B 246 6.39 7.71 37.14
N ASN B 247 5.93 8.74 37.84
CA ASN B 247 6.67 9.26 38.99
C ASN B 247 6.80 8.20 40.07
N LYS B 248 5.73 7.41 40.29
CA LYS B 248 5.80 6.36 41.30
C LYS B 248 6.76 5.25 40.90
N LEU B 249 6.90 4.99 39.60
CA LEU B 249 7.81 3.94 39.15
C LEU B 249 9.27 4.36 39.35
N PHE B 250 9.61 5.59 38.95
CA PHE B 250 10.99 6.06 39.12
C PHE B 250 11.35 6.23 40.58
N ASN B 251 10.42 6.75 41.39
CA ASN B 251 10.68 6.84 42.82
C ASN B 251 10.89 5.47 43.44
N PHE B 252 10.22 4.44 42.92
CA PHE B 252 10.46 3.09 43.39
C PHE B 252 11.87 2.62 43.05
N PHE B 253 12.42 3.07 41.92
CA PHE B 253 13.75 2.64 41.51
C PHE B 253 14.82 3.14 42.48
N LYS B 254 14.91 4.46 42.65
CA LYS B 254 15.98 5.02 43.47
C LYS B 254 15.77 4.82 44.96
N ASP B 255 14.59 4.37 45.39
CA ASP B 255 14.34 4.11 46.80
C ASP B 255 14.58 2.65 47.19
N ASN B 256 14.52 1.73 46.24
CA ASN B 256 14.59 0.31 46.55
C ASN B 256 15.75 -0.42 45.88
N ILE B 257 16.22 0.05 44.73
CA ILE B 257 17.36 -0.57 44.05
C ILE B 257 18.63 0.05 44.58
N LYS B 258 19.45 -0.76 45.26
CA LYS B 258 20.70 -0.32 45.87
C LYS B 258 21.91 -0.56 44.97
N GLU B 259 21.93 -1.66 44.22
CA GLU B 259 23.03 -1.91 43.29
C GLU B 259 23.05 -0.84 42.21
N GLN B 260 24.17 -0.12 42.12
CA GLN B 260 24.23 1.05 41.23
C GLN B 260 24.10 0.66 39.77
N ARG B 261 24.67 -0.49 39.39
CA ARG B 261 24.53 -0.94 38.01
C ARG B 261 23.08 -1.28 37.67
N ASP B 262 22.37 -1.92 38.61
CA ASP B 262 20.96 -2.20 38.39
C ASP B 262 20.11 -0.95 38.47
N LEU B 263 20.57 0.07 39.22
CA LEU B 263 19.83 1.32 39.32
C LEU B 263 19.94 2.13 38.04
N ASP B 264 21.16 2.32 37.54
CA ASP B 264 21.35 3.12 36.34
C ASP B 264 20.73 2.47 35.11
N PHE B 265 20.60 1.14 35.10
CA PHE B 265 19.97 0.47 33.97
C PHE B 265 18.48 0.78 33.92
N MSE B 266 17.77 0.52 35.01
CA MSE B 266 16.34 0.80 35.08
C MSE B 266 16.06 2.29 34.87
O MSE B 266 15.08 2.66 34.24
CB MSE B 266 15.77 0.35 36.43
CG MSE B 266 16.00 -1.11 36.74
SE MSE B 266 15.11 -2.30 35.48
CE MSE B 266 13.27 -2.06 36.07
N LEU B 267 16.95 3.13 35.40
CA LEU B 267 16.83 4.56 35.19
C LEU B 267 17.00 4.93 33.73
N THR B 268 17.97 4.30 33.06
CA THR B 268 18.18 4.57 31.64
C THR B 268 17.11 3.91 30.77
N HIS B 269 16.78 2.65 31.07
CA HIS B 269 15.88 1.90 30.20
C HIS B 269 14.48 2.52 30.16
N TRP B 270 14.00 3.04 31.29
CA TRP B 270 12.64 3.56 31.37
C TRP B 270 12.56 5.05 31.10
N TYR B 271 13.65 5.80 31.29
CA TYR B 271 13.66 7.21 30.88
C TYR B 271 13.64 7.34 29.37
N ARG B 272 14.26 6.40 28.67
CA ARG B 272 14.29 6.42 27.21
C ARG B 272 12.96 5.96 26.61
N SER B 273 12.30 4.99 27.25
CA SER B 273 11.11 4.40 26.66
C SER B 273 9.84 5.19 26.99
N ARG B 274 9.66 5.54 28.26
CA ARG B 274 8.41 6.15 28.69
C ARG B 274 8.46 7.68 28.75
N VAL B 275 9.63 8.27 28.99
CA VAL B 275 9.73 9.72 29.10
C VAL B 275 10.14 10.28 27.75
N LEU B 276 11.27 9.83 27.21
CA LEU B 276 11.71 10.32 25.88
C LEU B 276 10.82 9.70 24.81
N GLY B 277 10.10 8.62 25.11
CA GLY B 277 9.27 7.96 24.12
C GLY B 277 8.13 8.82 23.60
N ILE B 278 7.77 9.88 24.32
CA ILE B 278 6.72 10.79 23.87
C ILE B 278 7.26 11.94 23.03
N LEU B 279 8.57 11.98 22.78
CA LEU B 279 9.18 13.09 22.05
C LEU B 279 9.45 12.74 20.59
N GLY B 280 9.07 11.55 20.13
CA GLY B 280 9.26 11.17 18.74
C GLY B 280 7.98 11.23 17.93
N GLN B 281 7.54 10.08 17.42
CA GLN B 281 6.31 10.02 16.64
C GLN B 281 5.09 10.43 17.47
N TRP B 282 5.17 10.31 18.79
CA TRP B 282 4.05 10.68 19.65
C TRP B 282 3.66 12.14 19.48
N LEU B 283 4.63 13.01 19.16
CA LEU B 283 4.34 14.45 18.99
C LEU B 283 3.55 14.69 17.70
N LEU B 284 3.45 13.71 16.82
CA LEU B 284 2.72 13.86 15.56
C LEU B 284 1.36 13.19 15.60
N LYS B 285 0.96 12.58 16.72
CA LYS B 285 -0.28 11.82 16.81
C LYS B 285 -1.17 12.32 17.94
N ASN B 286 -0.91 13.51 18.47
CA ASN B 286 -1.68 14.05 19.58
C ASN B 286 -1.92 15.54 19.37
N ASN B 287 -2.94 16.05 20.06
CA ASN B 287 -3.31 17.46 19.94
C ASN B 287 -2.42 18.31 20.84
N ASN B 288 -2.47 19.63 20.59
CA ASN B 288 -1.58 20.54 21.31
C ASN B 288 -1.88 20.57 22.80
N GLU B 289 -3.16 20.46 23.17
CA GLU B 289 -3.52 20.43 24.59
C GLU B 289 -2.90 19.22 25.28
N ARG B 290 -3.05 18.05 24.68
CA ARG B 290 -2.47 16.83 25.26
C ARG B 290 -0.95 16.92 25.32
N ILE B 291 -0.34 17.48 24.27
CA ILE B 291 1.12 17.58 24.23
C ILE B 291 1.62 18.50 25.33
N ASP B 292 0.98 19.67 25.48
CA ASP B 292 1.45 20.64 26.47
C ASP B 292 1.33 20.08 27.89
N ILE B 293 0.22 19.41 28.20
CA ILE B 293 0.07 18.81 29.51
C ILE B 293 1.12 17.73 29.73
N GLU B 294 1.32 16.88 28.72
CA GLU B 294 2.25 15.74 28.86
C GLU B 294 3.71 16.18 28.80
N PHE B 295 4.05 17.16 27.96
CA PHE B 295 5.43 17.62 27.84
C PHE B 295 5.92 18.26 29.13
N ASN B 296 5.07 19.08 29.76
CA ASN B 296 5.44 19.71 31.02
C ASN B 296 5.64 18.67 32.13
N TYR B 297 4.85 17.60 32.12
CA TYR B 297 5.08 16.52 33.07
C TYR B 297 6.42 15.84 32.79
N ALA B 298 6.71 15.53 31.53
CA ALA B 298 7.97 14.89 31.18
C ALA B 298 9.16 15.77 31.52
N LYS B 299 9.03 17.08 31.30
CA LYS B 299 10.11 18.00 31.64
C LYS B 299 10.31 18.07 33.15
N LYS B 300 9.22 17.99 33.93
CA LYS B 300 9.34 18.07 35.37
C LYS B 300 9.99 16.81 35.94
N LEU B 301 9.71 15.65 35.35
CA LEU B 301 10.29 14.41 35.84
C LEU B 301 11.77 14.31 35.50
N ALA B 302 12.16 14.82 34.32
CA ALA B 302 13.57 14.78 33.95
C ALA B 302 14.40 15.68 34.86
N GLU B 303 13.85 16.85 35.23
CA GLU B 303 14.58 17.76 36.11
C GLU B 303 14.71 17.20 37.51
N GLU B 304 13.62 16.63 38.04
CA GLU B 304 13.55 16.27 39.45
C GLU B 304 14.09 14.88 39.77
N LEU B 305 13.94 13.92 38.85
CA LEU B 305 14.28 12.53 39.14
C LEU B 305 15.46 11.99 38.36
N ILE B 306 15.59 12.36 37.10
CA ILE B 306 16.62 11.77 36.22
C ILE B 306 17.89 12.61 36.35
N PRO B 307 18.99 12.02 36.83
CA PRO B 307 20.25 12.78 36.90
C PRO B 307 20.79 13.08 35.51
N ALA B 308 21.78 13.97 35.48
CA ALA B 308 22.33 14.41 34.21
C ALA B 308 23.23 13.35 33.58
N TYR B 309 23.91 12.54 34.39
CA TYR B 309 24.82 11.55 33.85
C TYR B 309 24.12 10.40 33.16
N ILE B 310 22.79 10.30 33.28
CA ILE B 310 22.05 9.23 32.61
C ILE B 310 22.11 9.39 31.09
N SER B 311 22.19 10.64 30.61
CA SER B 311 22.24 10.89 29.18
C SER B 311 23.53 10.39 28.53
N GLU B 312 24.58 10.11 29.32
CA GLU B 312 25.81 9.60 28.74
C GLU B 312 25.62 8.21 28.14
N ASN B 313 24.64 7.45 28.62
CA ASN B 313 24.40 6.10 28.15
C ASN B 313 23.39 6.02 27.01
N LEU B 314 22.85 7.15 26.58
CA LEU B 314 21.89 7.19 25.49
C LEU B 314 22.59 7.38 24.15
N ASP B 315 21.89 7.04 23.08
CA ASP B 315 22.42 7.28 21.75
C ASP B 315 22.26 8.74 21.37
N LYS B 316 22.80 9.09 20.20
CA LYS B 316 22.86 10.49 19.79
C LYS B 316 21.46 11.11 19.69
N ASN B 317 20.52 10.40 19.06
CA ASN B 317 19.19 10.96 18.86
C ASN B 317 18.46 11.14 20.19
N ASN B 318 18.64 10.21 21.13
CA ASN B 318 17.99 10.36 22.43
C ASN B 318 18.66 11.44 23.27
N GLN B 319 19.95 11.69 23.05
CA GLN B 319 20.61 12.80 23.74
C GLN B 319 20.08 14.14 23.25
N VAL B 320 19.73 14.24 21.97
CA VAL B 320 19.10 15.45 21.45
C VAL B 320 17.74 15.66 22.12
N LYS B 321 16.95 14.58 22.25
CA LYS B 321 15.64 14.70 22.87
C LYS B 321 15.74 15.09 24.33
N ASP B 322 16.74 14.56 25.04
CA ASP B 322 16.92 14.90 26.45
C ASP B 322 17.34 16.35 26.62
N TYR B 323 18.24 16.84 25.76
CA TYR B 323 18.69 18.23 25.87
C TYR B 323 17.56 19.21 25.63
N LEU B 324 16.83 19.03 24.53
CA LEU B 324 15.74 19.96 24.20
C LEU B 324 14.59 19.84 25.18
N LEU B 325 14.39 18.67 25.78
CA LEU B 325 13.36 18.53 26.81
C LEU B 325 13.70 19.39 28.03
N ARG B 326 14.94 19.29 28.52
CA ARG B 326 15.35 20.09 29.67
C ARG B 326 15.43 21.57 29.34
N GLN B 327 15.61 21.91 28.06
CA GLN B 327 15.56 23.30 27.63
C GLN B 327 14.13 23.81 27.50
N GLY B 328 13.15 22.92 27.43
CA GLY B 328 11.77 23.33 27.22
C GLY B 328 11.47 23.76 25.81
N ASP B 329 12.23 23.28 24.82
CA ASP B 329 12.09 23.69 23.43
C ASP B 329 11.18 22.68 22.73
N LEU B 330 9.87 22.84 22.96
CA LEU B 330 8.90 21.94 22.34
C LEU B 330 8.79 22.18 20.83
N ASP B 331 9.05 23.41 20.38
CA ASP B 331 8.99 23.70 18.95
C ASP B 331 10.04 22.92 18.18
N SER B 332 11.25 22.81 18.73
CA SER B 332 12.31 22.10 18.03
C SER B 332 12.03 20.60 18.00
N LEU B 333 11.50 20.05 19.09
CA LEU B 333 11.20 18.62 19.13
C LEU B 333 10.08 18.27 18.15
N LYS B 334 9.10 19.15 18.00
CA LYS B 334 8.05 18.92 17.02
C LYS B 334 8.60 18.92 15.60
N LYS B 335 9.47 19.89 15.28
CA LYS B 335 10.10 19.90 13.96
C LYS B 335 10.96 18.65 13.76
N LEU B 336 11.68 18.24 14.81
CA LEU B 336 12.50 17.04 14.71
C LEU B 336 11.66 15.79 14.49
N ALA B 337 10.46 15.73 15.04
CA ALA B 337 9.60 14.57 14.83
C ALA B 337 9.19 14.45 13.37
N GLN B 338 8.94 15.60 12.71
CA GLN B 338 8.63 15.57 11.29
C GLN B 338 9.82 15.09 10.47
N ILE B 339 11.04 15.42 10.89
CA ILE B 339 12.22 15.04 10.13
C ILE B 339 12.54 13.55 10.30
N ASP B 340 12.31 13.01 11.50
CA ASP B 340 12.61 11.61 11.79
C ASP B 340 11.50 10.67 11.36
N ALA B 341 10.38 11.18 10.86
CA ALA B 341 9.22 10.32 10.59
C ALA B 341 9.47 9.43 9.39
N GLY B 342 9.13 8.15 9.53
CA GLY B 342 9.16 7.21 8.43
C GLY B 342 10.48 6.55 8.16
N ILE B 343 11.51 6.83 8.96
CA ILE B 343 12.84 6.26 8.73
C ILE B 343 12.79 4.77 9.05
N THR B 344 13.16 3.94 8.08
CA THR B 344 13.11 2.50 8.24
C THR B 344 14.12 1.88 7.27
N ALA B 345 14.09 0.55 7.18
CA ALA B 345 14.96 -0.18 6.26
C ALA B 345 14.23 -1.45 5.84
N LEU B 346 13.83 -1.52 4.58
CA LEU B 346 13.12 -2.70 4.04
C LEU B 346 14.13 -3.57 3.29
N SER B 347 14.00 -4.88 3.41
CA SER B 347 14.90 -5.83 2.77
C SER B 347 14.19 -6.50 1.60
N TYR B 348 14.87 -6.57 0.46
CA TYR B 348 14.39 -7.26 -0.73
C TYR B 348 15.16 -8.56 -0.91
N VAL B 349 14.56 -9.49 -1.64
CA VAL B 349 15.17 -10.79 -1.92
C VAL B 349 15.96 -10.66 -3.21
N GLU B 350 17.29 -10.74 -3.10
CA GLU B 350 18.12 -10.76 -4.30
C GLU B 350 18.16 -12.14 -4.93
N ASP B 351 18.14 -13.19 -4.11
CA ASP B 351 18.11 -14.56 -4.61
C ASP B 351 17.60 -15.48 -3.51
N ALA B 352 16.93 -16.55 -3.92
CA ALA B 352 16.39 -17.54 -2.99
C ALA B 352 16.35 -18.88 -3.70
N TYR B 353 16.92 -19.90 -3.06
CA TYR B 353 17.02 -21.22 -3.68
C TYR B 353 17.17 -22.28 -2.61
N PHE B 354 16.90 -23.52 -2.98
CA PHE B 354 17.16 -24.66 -2.13
C PHE B 354 18.53 -25.25 -2.48
N LYS B 355 19.27 -25.63 -1.45
CA LYS B 355 20.59 -26.24 -1.62
C LYS B 355 20.75 -27.32 -0.56
N GLU B 356 21.08 -28.54 -1.01
CA GLU B 356 21.15 -29.70 -0.13
C GLU B 356 19.86 -29.87 0.65
N ASP B 357 19.88 -29.58 1.95
CA ASP B 357 18.70 -29.72 2.80
C ASP B 357 18.32 -28.40 3.47
N LYS B 358 18.77 -27.27 2.93
CA LYS B 358 18.49 -25.97 3.52
C LYS B 358 17.96 -25.02 2.45
N LEU B 359 17.20 -24.02 2.92
CA LEU B 359 16.69 -22.94 2.05
C LEU B 359 17.65 -21.77 2.22
N PHE B 360 18.15 -21.24 1.11
CA PHE B 360 19.13 -20.16 1.13
C PHE B 360 18.49 -18.86 0.63
N PHE B 361 18.95 -17.74 1.21
CA PHE B 361 18.50 -16.42 0.83
C PHE B 361 19.68 -15.49 0.67
N LYS B 362 19.51 -14.52 -0.22
CA LYS B 362 20.43 -13.38 -0.34
C LYS B 362 19.59 -12.13 -0.41
N THR B 363 19.75 -11.24 0.58
CA THR B 363 18.91 -10.07 0.70
C THR B 363 19.75 -8.80 0.61
N SER B 364 19.06 -7.68 0.38
CA SER B 364 19.67 -6.37 0.34
C SER B 364 18.71 -5.37 0.94
N THR B 365 19.25 -4.36 1.62
CA THR B 365 18.44 -3.34 2.27
C THR B 365 19.13 -2.00 2.17
N LYS B 366 18.38 -0.95 2.53
CA LYS B 366 18.86 0.41 2.48
C LYS B 366 17.95 1.28 3.34
N MSE B 367 18.54 2.11 4.19
CA MSE B 367 17.74 3.01 5.02
C MSE B 367 16.98 4.01 4.14
O MSE B 367 17.58 4.68 3.30
CB MSE B 367 18.64 3.75 6.03
CG MSE B 367 19.23 2.86 7.11
SE MSE B 367 20.12 3.86 8.53
CE MSE B 367 18.60 4.90 9.19
N THR B 368 15.67 4.07 4.34
CA THR B 368 14.82 4.90 3.49
C THR B 368 13.80 5.63 4.36
N TYR B 369 13.16 6.61 3.76
CA TYR B 369 11.98 7.26 4.34
C TYR B 369 10.75 6.52 3.82
N GLU B 370 10.20 5.63 4.65
CA GLU B 370 8.96 4.93 4.34
C GLU B 370 9.07 4.14 3.03
N ASP B 371 10.18 3.43 2.87
CA ASP B 371 10.44 2.56 1.71
C ASP B 371 10.46 3.33 0.39
N LYS B 372 10.79 4.62 0.41
CA LYS B 372 10.80 5.41 -0.81
C LYS B 372 12.18 6.00 -1.06
N GLU B 373 12.31 7.33 -0.98
CA GLU B 373 13.62 7.92 -1.22
C GLU B 373 14.58 7.55 -0.09
N ASP B 374 15.87 7.73 -0.37
CA ASP B 374 16.92 7.28 0.53
C ASP B 374 17.05 8.19 1.75
N PHE B 375 17.46 7.58 2.85
CA PHE B 375 17.86 8.33 4.03
C PHE B 375 19.33 8.72 3.89
N PHE B 376 19.64 9.99 4.16
CA PHE B 376 20.98 10.51 3.94
C PHE B 376 21.56 11.08 5.22
N ILE B 377 22.88 10.96 5.33
CA ILE B 377 23.66 11.66 6.35
C ILE B 377 24.72 12.49 5.65
N GLU B 378 25.03 13.64 6.23
CA GLU B 378 25.94 14.58 5.61
C GLU B 378 27.36 14.39 6.08
N LYS B 379 28.31 14.73 5.21
CA LYS B 379 29.74 14.72 5.54
C LYS B 379 30.22 16.16 5.52
N THR B 380 30.41 16.72 6.72
CA THR B 380 30.90 18.10 6.95
C THR B 380 32.25 18.00 7.65
N ALA B 381 33.29 18.64 7.11
CA ALA B 381 34.65 18.52 7.63
C ALA B 381 34.99 17.03 7.67
N ASP B 382 35.41 16.49 8.80
CA ASP B 382 35.81 15.09 8.89
C ASP B 382 34.77 14.22 9.60
N ARG B 383 33.60 14.78 9.91
CA ARG B 383 32.60 14.09 10.70
C ARG B 383 31.31 13.90 9.90
N MSE B 384 30.65 12.78 10.17
CA MSE B 384 29.36 12.46 9.55
C MSE B 384 28.20 12.97 10.39
O MSE B 384 27.96 12.47 11.48
CB MSE B 384 29.23 10.95 9.34
CG MSE B 384 30.10 10.40 8.25
SE MSE B 384 29.35 10.67 6.48
CE MSE B 384 30.67 9.65 5.46
N GLU B 385 27.50 13.97 9.88
CA GLU B 385 26.41 14.62 10.63
C GLU B 385 25.06 14.16 10.08
N ARG B 386 24.05 14.23 10.95
CA ARG B 386 22.68 14.01 10.53
C ARG B 386 22.13 15.30 9.94
N ILE B 387 21.28 15.18 8.93
CA ILE B 387 20.80 16.33 8.18
C ILE B 387 19.75 17.05 9.01
N LEU B 388 20.04 18.29 9.38
CA LEU B 388 19.16 19.11 10.20
C LEU B 388 19.19 20.54 9.68
N PRO B 389 18.15 21.32 9.97
CA PRO B 389 18.21 22.75 9.65
C PRO B 389 19.23 23.46 10.52
N GLU B 390 19.61 24.66 10.08
CA GLU B 390 20.59 25.45 10.84
C GLU B 390 19.98 25.98 12.14
N GLU B 391 18.66 26.19 12.18
CA GLU B 391 18.03 26.66 13.41
C GLU B 391 18.13 25.63 14.52
N ILE B 392 18.00 24.35 14.18
CA ILE B 392 18.10 23.30 15.18
C ILE B 392 19.55 22.94 15.46
N LYS B 393 20.38 22.89 14.43
CA LYS B 393 21.80 22.57 14.62
C LYS B 393 22.50 23.58 15.50
N SER B 394 22.09 24.86 15.42
CA SER B 394 22.72 25.89 16.25
C SER B 394 22.24 25.84 17.69
N LYS B 395 21.03 25.34 17.93
CA LYS B 395 20.50 25.21 19.28
C LYS B 395 21.01 23.97 20.01
N LEU B 396 21.80 23.13 19.35
CA LEU B 396 22.23 21.87 19.93
C LEU B 396 23.74 21.83 20.12
N PRO B 397 24.23 21.08 21.10
CA PRO B 397 25.67 20.78 21.14
C PRO B 397 26.10 20.03 19.89
N LYS B 398 27.26 20.41 19.35
CA LYS B 398 27.66 19.92 18.04
C LYS B 398 27.88 18.40 18.05
N GLU B 399 28.22 17.82 19.21
CA GLU B 399 28.49 16.38 19.26
C GLU B 399 27.23 15.53 19.14
N PHE B 400 26.06 16.09 19.45
CA PHE B 400 24.85 15.27 19.52
C PHE B 400 24.35 14.83 18.16
N PHE B 401 24.72 15.52 17.08
CA PHE B 401 24.34 15.12 15.73
C PHE B 401 25.54 14.70 14.90
N ASP B 402 26.52 14.05 15.54
CA ASP B 402 27.71 13.54 14.86
C ASP B 402 27.70 12.02 14.97
N TYR B 403 27.42 11.34 13.86
CA TYR B 403 27.34 9.90 13.80
C TYR B 403 28.69 9.23 13.54
N SER B 404 29.79 9.96 13.67
CA SER B 404 31.09 9.43 13.28
C SER B 404 31.45 8.20 14.09
N ASP B 405 31.32 8.27 15.42
CA ASP B 405 31.70 7.18 16.30
C ASP B 405 30.67 6.06 16.34
N ASP B 406 29.63 6.11 15.50
CA ASP B 406 28.57 5.12 15.52
C ASP B 406 28.41 4.38 14.20
N LEU B 407 29.19 4.72 13.18
CA LEU B 407 29.03 4.11 11.86
C LEU B 407 29.49 2.65 11.82
N ALA B 408 30.04 2.12 12.90
CA ALA B 408 30.49 0.74 12.94
C ALA B 408 29.58 -0.16 13.78
N GLU B 409 28.46 0.38 14.25
CA GLU B 409 27.56 -0.34 15.15
C GLU B 409 26.32 -0.88 14.44
N PHE B 410 26.28 -0.82 13.10
CA PHE B 410 25.14 -1.33 12.37
C PHE B 410 25.01 -2.84 12.53
N THR B 411 23.77 -3.32 12.60
CA THR B 411 23.48 -4.75 12.66
C THR B 411 22.48 -5.10 11.57
N TYR B 412 22.51 -6.37 11.15
CA TYR B 412 21.67 -6.85 10.06
C TYR B 412 21.53 -8.36 10.23
N GLU B 413 20.39 -8.80 10.75
CA GLU B 413 20.17 -10.17 11.15
C GLU B 413 18.83 -10.66 10.65
N PRO B 414 18.63 -11.99 10.57
CA PRO B 414 17.37 -12.52 10.03
C PRO B 414 16.41 -12.98 11.13
N SER B 415 15.20 -13.36 10.74
CA SER B 415 14.19 -13.79 11.70
C SER B 415 13.20 -14.71 11.00
N ILE B 416 12.49 -15.50 11.81
CA ILE B 416 11.42 -16.38 11.34
C ILE B 416 10.28 -16.30 12.34
N LYS B 417 9.11 -16.78 11.91
CA LYS B 417 7.93 -16.78 12.77
C LYS B 417 6.96 -17.83 12.26
N GLY B 418 6.56 -18.75 13.14
CA GLY B 418 5.54 -19.72 12.82
C GLY B 418 4.16 -19.10 12.85
N ARG B 419 3.44 -19.14 11.73
CA ARG B 419 2.17 -18.43 11.63
C ARG B 419 1.13 -19.01 12.58
N ASN B 420 1.15 -20.32 12.81
CA ASN B 420 0.19 -20.93 13.73
C ASN B 420 0.58 -20.74 15.18
N SER B 421 1.88 -20.82 15.49
CA SER B 421 2.35 -20.71 16.86
C SER B 421 2.70 -19.29 17.28
N ARG B 422 2.90 -18.38 16.32
CA ARG B 422 3.30 -17.00 16.57
C ARG B 422 4.64 -16.90 17.30
N ALA B 423 5.40 -17.99 17.35
CA ALA B 423 6.71 -17.97 17.98
C ALA B 423 7.76 -17.47 17.01
N THR B 424 8.68 -16.65 17.51
CA THR B 424 9.71 -16.02 16.70
C THR B 424 11.09 -16.54 17.09
N TRP B 425 11.98 -16.62 16.09
CA TRP B 425 13.34 -17.08 16.31
C TRP B 425 14.29 -16.28 15.45
N LYS B 426 15.56 -16.26 15.88
CA LYS B 426 16.65 -15.66 15.11
C LYS B 426 17.38 -16.76 14.35
N ILE B 427 17.56 -16.54 13.05
CA ILE B 427 18.23 -17.53 12.20
C ILE B 427 19.74 -17.37 12.41
N ASP B 428 20.35 -18.35 13.07
CA ASP B 428 21.79 -18.32 13.32
C ASP B 428 22.57 -18.63 12.05
N GLY B 429 23.88 -18.40 12.12
CA GLY B 429 24.76 -18.68 11.01
C GLY B 429 24.47 -17.83 9.78
N SER B 430 24.71 -16.52 9.89
CA SER B 430 24.43 -15.60 8.81
C SER B 430 25.61 -14.64 8.63
N THR B 431 25.82 -14.21 7.39
CA THR B 431 26.86 -13.27 7.04
C THR B 431 26.24 -12.01 6.47
N SER B 432 26.56 -10.87 7.07
CA SER B 432 25.99 -9.60 6.64
C SER B 432 27.10 -8.56 6.59
N ASN B 433 26.78 -7.42 5.98
CA ASN B 433 27.73 -6.33 5.82
C ASN B 433 26.98 -5.05 5.50
N VAL B 434 27.25 -3.99 6.26
CA VAL B 434 26.64 -2.68 6.07
C VAL B 434 27.71 -1.71 5.58
N GLU B 435 27.35 -0.89 4.59
CA GLU B 435 28.28 0.04 3.98
C GLU B 435 27.66 1.44 3.93
N VAL B 436 28.48 2.45 4.20
CA VAL B 436 28.09 3.85 4.08
C VAL B 436 28.61 4.35 2.73
N VAL B 437 27.69 4.57 1.78
CA VAL B 437 28.04 4.84 0.39
C VAL B 437 27.70 6.29 0.07
N ASN B 438 28.64 6.99 -0.57
CA ASN B 438 28.38 8.32 -1.09
C ASN B 438 27.54 8.21 -2.36
N LYS B 439 26.42 8.92 -2.39
CA LYS B 439 25.54 8.91 -3.56
C LYS B 439 25.71 10.15 -4.41
N LYS B 440 25.60 11.33 -3.81
CA LYS B 440 25.78 12.58 -4.53
C LYS B 440 26.29 13.64 -3.56
N ALA B 441 27.23 14.46 -4.05
CA ALA B 441 27.84 15.53 -3.25
C ALA B 441 28.41 14.92 -1.97
N ASN B 442 28.04 15.42 -0.79
CA ASN B 442 28.51 14.88 0.48
C ASN B 442 27.45 14.04 1.17
N LEU B 443 26.41 13.62 0.44
CA LEU B 443 25.34 12.82 1.01
C LEU B 443 25.68 11.34 0.95
N TYR B 444 25.44 10.64 2.06
CA TYR B 444 25.79 9.24 2.21
C TYR B 444 24.56 8.45 2.60
N LYS B 445 24.35 7.32 1.93
CA LYS B 445 23.26 6.40 2.22
C LYS B 445 23.82 5.16 2.90
N ILE B 446 22.93 4.44 3.59
CA ILE B 446 23.30 3.26 4.36
C ILE B 446 22.76 2.04 3.63
N GLU B 447 23.65 1.27 3.02
CA GLU B 447 23.28 0.07 2.29
C GLU B 447 23.82 -1.17 2.99
N GLY B 448 23.08 -2.26 2.89
CA GLY B 448 23.47 -3.52 3.50
C GLY B 448 23.08 -4.70 2.65
N GLU B 449 23.93 -5.72 2.66
CA GLU B 449 23.67 -6.97 1.98
C GLU B 449 23.83 -8.13 2.97
N MSE B 450 23.19 -9.25 2.66
CA MSE B 450 23.15 -10.35 3.62
C MSE B 450 22.81 -11.71 2.99
O MSE B 450 22.01 -11.79 2.05
CB MSE B 450 22.13 -10.04 4.72
CG MSE B 450 22.33 -10.86 5.97
SE MSE B 450 20.85 -10.77 7.22
CE MSE B 450 20.76 -12.67 7.49
N SER B 451 23.41 -12.77 3.52
CA SER B 451 23.18 -14.13 3.08
C SER B 451 22.94 -15.02 4.30
N PHE B 452 21.94 -15.90 4.19
CA PHE B 452 21.65 -16.82 5.29
C PHE B 452 20.92 -18.03 4.74
N SER B 453 20.98 -19.12 5.52
CA SER B 453 20.30 -20.37 5.20
C SER B 453 19.36 -20.73 6.34
N VAL B 454 18.38 -21.57 6.03
CA VAL B 454 17.33 -21.93 6.98
C VAL B 454 17.24 -23.45 7.07
N GLN B 455 17.30 -23.96 8.30
CA GLN B 455 17.04 -25.37 8.60
C GLN B 455 15.77 -25.43 9.44
N ILE B 456 14.70 -25.97 8.85
CA ILE B 456 13.39 -25.89 9.49
C ILE B 456 13.28 -26.84 10.68
N ASN B 457 14.16 -27.85 10.79
CA ASN B 457 14.12 -28.73 11.95
C ASN B 457 14.56 -28.01 13.23
N ASP B 458 15.27 -26.89 13.10
CA ASP B 458 15.69 -26.14 14.28
C ASP B 458 14.50 -25.50 15.00
N TYR B 459 13.47 -25.12 14.25
CA TYR B 459 12.33 -24.41 14.80
C TYR B 459 11.11 -25.31 14.97
N ILE B 460 11.23 -26.60 14.71
CA ILE B 460 10.16 -27.56 14.96
C ILE B 460 10.35 -28.13 16.36
N LEU B 461 9.34 -27.94 17.20
CA LEU B 461 9.37 -28.43 18.58
C LEU B 461 8.12 -29.19 18.98
N ASP B 462 6.96 -28.78 18.47
CA ASP B 462 5.70 -29.49 18.70
C ASP B 462 5.30 -30.27 17.46
N ALA B 463 4.38 -31.20 17.64
CA ALA B 463 3.90 -31.99 16.51
C ALA B 463 3.18 -31.12 15.49
N ALA B 464 2.55 -30.04 15.94
CA ALA B 464 1.90 -29.10 15.02
C ALA B 464 2.89 -28.20 14.32
N ASP B 465 4.11 -28.06 14.86
CA ASP B 465 5.13 -27.24 14.19
C ASP B 465 5.62 -27.87 12.89
N LYS B 466 5.48 -29.18 12.73
CA LYS B 466 5.92 -29.82 11.50
C LYS B 466 5.11 -29.35 10.30
N LYS B 467 3.84 -29.03 10.49
CA LYS B 467 2.95 -28.58 9.41
C LYS B 467 2.37 -27.21 9.82
N GLN B 468 2.97 -26.15 9.29
CA GLN B 468 2.49 -24.80 9.52
C GLN B 468 3.23 -23.87 8.56
N PRO B 469 2.64 -22.72 8.23
CA PRO B 469 3.35 -21.72 7.44
C PRO B 469 4.40 -20.99 8.28
N TRP B 470 5.46 -20.55 7.60
CA TRP B 470 6.54 -19.80 8.22
C TRP B 470 6.72 -18.48 7.48
N ASP B 471 7.03 -17.42 8.22
CA ASP B 471 7.21 -16.09 7.66
C ASP B 471 8.62 -15.59 7.98
N ILE B 472 9.31 -15.06 6.97
CA ILE B 472 10.69 -14.61 7.11
C ILE B 472 10.72 -13.10 7.32
N ALA B 473 11.68 -12.64 8.10
CA ALA B 473 11.80 -11.22 8.42
C ALA B 473 13.26 -10.88 8.64
N THR B 474 13.57 -9.59 8.57
CA THR B 474 14.92 -9.08 8.78
C THR B 474 14.90 -7.98 9.83
N ARG B 475 16.00 -7.87 10.57
CA ARG B 475 16.15 -6.89 11.63
C ARG B 475 17.38 -6.04 11.34
N PHE B 476 17.18 -4.73 11.23
CA PHE B 476 18.25 -3.79 10.93
C PHE B 476 18.31 -2.73 12.02
N THR B 477 19.49 -2.57 12.62
CA THR B 477 19.69 -1.63 13.71
C THR B 477 20.86 -0.71 13.39
N GLY B 478 20.65 0.59 13.58
CA GLY B 478 21.70 1.56 13.34
C GLY B 478 21.29 2.99 13.64
N LEU B 479 22.21 3.76 14.22
CA LEU B 479 22.02 5.19 14.48
C LEU B 479 20.83 5.45 15.40
N GLY B 480 20.51 4.48 16.26
CA GLY B 480 19.39 4.60 17.17
C GLY B 480 18.06 4.12 16.62
N TYR B 481 18.00 3.75 15.35
CA TYR B 481 16.78 3.24 14.73
C TYR B 481 16.79 1.72 14.73
N THR B 482 15.60 1.12 14.78
CA THR B 482 15.45 -0.32 14.76
C THR B 482 14.29 -0.66 13.83
N SER B 483 14.59 -1.38 12.75
CA SER B 483 13.59 -1.76 11.75
C SER B 483 13.57 -3.28 11.64
N HIS B 484 12.51 -3.90 12.16
CA HIS B 484 12.32 -5.34 12.08
C HIS B 484 11.08 -5.57 11.23
N ARG B 485 11.29 -5.77 9.93
CA ARG B 485 10.22 -5.89 8.95
C ARG B 485 10.30 -7.26 8.28
N ALA B 486 9.21 -7.62 7.59
CA ALA B 486 9.16 -8.89 6.88
C ALA B 486 9.98 -8.83 5.60
N LEU B 487 10.45 -10.00 5.16
CA LEU B 487 11.21 -10.10 3.90
C LEU B 487 10.21 -9.97 2.75
N THR B 488 10.50 -9.09 1.79
CA THR B 488 9.61 -8.83 0.67
C THR B 488 10.32 -9.15 -0.64
N ILE B 489 9.52 -9.29 -1.69
CA ILE B 489 10.03 -9.45 -3.05
C ILE B 489 8.95 -8.96 -4.01
N GLY B 490 9.37 -8.33 -5.10
CA GLY B 490 8.44 -7.77 -6.06
C GLY B 490 8.02 -8.76 -7.13
N LYS B 491 8.99 -9.48 -7.69
CA LYS B 491 8.69 -10.48 -8.73
C LYS B 491 8.01 -11.69 -8.11
N ILE B 492 7.30 -12.47 -8.94
CA ILE B 492 6.67 -13.68 -8.45
C ILE B 492 7.74 -14.70 -8.08
N LEU B 493 7.60 -15.28 -6.89
CA LEU B 493 8.55 -16.30 -6.39
C LEU B 493 7.76 -17.54 -5.98
N ILE B 494 8.02 -18.66 -6.63
CA ILE B 494 7.39 -19.95 -6.31
C ILE B 494 8.44 -21.03 -6.55
N LYS B 495 8.96 -21.61 -5.47
CA LYS B 495 9.93 -22.70 -5.58
C LYS B 495 9.60 -23.77 -4.56
N THR B 496 9.57 -25.03 -5.02
CA THR B 496 9.21 -26.17 -4.19
C THR B 496 10.43 -27.04 -3.95
N ALA B 497 10.30 -27.93 -2.96
CA ALA B 497 11.38 -28.84 -2.61
C ALA B 497 10.82 -30.01 -1.83
N LEU B 498 11.51 -31.15 -1.91
CA LEU B 498 11.18 -32.37 -1.13
C LEU B 498 12.45 -32.74 -0.37
N ILE B 499 12.45 -32.60 0.96
CA ILE B 499 13.63 -32.82 1.79
C ILE B 499 13.23 -33.59 3.04
N ASN B 500 13.54 -34.87 3.08
CA ASN B 500 13.37 -35.71 4.27
C ASN B 500 11.94 -35.65 4.80
N ASN B 501 11.00 -36.04 3.93
CA ASN B 501 9.55 -36.05 4.20
C ASN B 501 8.98 -34.68 4.52
N LYS B 502 9.77 -33.61 4.38
CA LYS B 502 9.28 -32.25 4.55
C LYS B 502 8.99 -31.67 3.18
N THR B 503 7.75 -31.22 2.97
CA THR B 503 7.33 -30.60 1.72
C THR B 503 7.38 -29.08 1.92
N MSE B 504 8.39 -28.45 1.32
CA MSE B 504 8.62 -27.02 1.53
C MSE B 504 8.46 -26.21 0.24
O MSE B 504 8.84 -26.67 -0.84
CB MSE B 504 10.02 -26.80 2.11
CG MSE B 504 10.38 -27.77 3.21
SE MSE B 504 12.22 -27.60 3.80
CE MSE B 504 12.10 -25.82 4.61
N ILE B 505 7.89 -25.01 0.36
CA ILE B 505 7.66 -24.12 -0.76
C ILE B 505 7.94 -22.70 -0.30
N VAL B 506 8.83 -21.99 -0.98
CA VAL B 506 9.07 -20.55 -0.70
C VAL B 506 8.22 -19.82 -1.75
N TYR B 507 7.36 -18.89 -1.32
CA TYR B 507 6.46 -18.22 -2.23
C TYR B 507 6.24 -16.79 -1.74
N LYS B 508 6.14 -15.86 -2.69
CA LYS B 508 5.68 -14.52 -2.38
C LYS B 508 4.19 -14.56 -2.09
N ASN B 509 3.79 -14.23 -0.86
CA ASN B 509 2.40 -14.34 -0.46
C ASN B 509 1.58 -13.19 -1.04
N ALA B 510 0.30 -13.15 -0.69
CA ALA B 510 -0.60 -12.14 -1.23
C ALA B 510 -0.23 -10.73 -0.79
N SER B 511 0.53 -10.58 0.30
CA SER B 511 0.93 -9.27 0.80
C SER B 511 2.31 -8.86 0.31
N GLY B 512 2.88 -9.59 -0.65
CA GLY B 512 4.22 -9.30 -1.14
C GLY B 512 5.34 -9.72 -0.23
N LEU B 513 5.07 -10.52 0.80
CA LEU B 513 6.08 -10.95 1.75
C LEU B 513 6.48 -12.39 1.49
N ILE B 514 7.60 -12.80 2.10
CA ILE B 514 8.15 -14.13 1.91
C ILE B 514 7.55 -15.08 2.95
N SER B 515 6.99 -16.19 2.48
CA SER B 515 6.43 -17.21 3.33
C SER B 515 6.99 -18.57 2.95
N LEU B 516 6.93 -19.51 3.88
CA LEU B 516 7.47 -20.87 3.67
C LEU B 516 6.46 -21.89 4.17
N ASP B 517 5.70 -22.51 3.27
CA ASP B 517 4.71 -23.50 3.64
C ASP B 517 5.40 -24.87 3.78
N VAL B 518 5.24 -25.49 4.94
CA VAL B 518 5.80 -26.81 5.22
C VAL B 518 4.65 -27.73 5.59
N GLY B 519 4.43 -28.76 4.78
CA GLY B 519 3.38 -29.72 5.02
C GLY B 519 2.07 -29.46 4.30
N SER B 520 2.07 -28.63 3.25
CA SER B 520 0.87 -28.32 2.48
C SER B 520 -0.23 -27.72 3.36
N SER B 521 0.17 -26.85 4.29
CA SER B 521 -0.81 -26.13 5.09
C SER B 521 -1.45 -24.97 4.34
N VAL B 522 -0.86 -24.55 3.21
CA VAL B 522 -1.37 -23.43 2.43
C VAL B 522 -1.39 -23.79 0.95
N ARG B 523 -0.29 -24.35 0.46
CA ARG B 523 -0.11 -24.57 -0.97
C ARG B 523 0.03 -26.06 -1.27
N SER B 524 -0.23 -26.39 -2.54
CA SER B 524 -0.06 -27.74 -3.07
C SER B 524 1.28 -27.83 -3.77
N ILE B 525 2.13 -28.74 -3.31
CA ILE B 525 3.46 -28.86 -3.91
C ILE B 525 3.39 -29.45 -5.31
N VAL B 526 2.33 -30.19 -5.65
CA VAL B 526 2.21 -30.76 -6.98
C VAL B 526 1.89 -29.66 -7.99
N GLU B 527 0.97 -28.75 -7.65
CA GLU B 527 0.60 -27.67 -8.56
C GLU B 527 1.76 -26.70 -8.77
N ASP B 528 2.46 -26.35 -7.69
CA ASP B 528 3.53 -25.36 -7.80
C ASP B 528 4.82 -25.93 -8.38
N SER B 529 4.97 -27.25 -8.42
CA SER B 529 6.13 -27.87 -9.03
C SER B 529 5.96 -28.13 -10.52
N GLY B 530 4.72 -28.19 -11.00
CA GLY B 530 4.46 -28.54 -12.38
C GLY B 530 4.44 -30.04 -12.59
N VAL B 531 3.95 -30.44 -13.77
CA VAL B 531 3.87 -31.85 -14.14
C VAL B 531 4.26 -31.99 -15.60
N LYS B 532 5.25 -32.83 -15.88
CA LYS B 532 5.62 -33.16 -17.25
C LYS B 532 4.74 -34.33 -17.68
N ARG B 533 3.59 -33.99 -18.26
CA ARG B 533 2.60 -35.01 -18.63
C ARG B 533 3.12 -35.94 -19.72
N GLU B 534 4.10 -35.52 -20.51
CA GLU B 534 4.63 -36.38 -21.56
C GLU B 534 5.37 -37.57 -20.97
N GLN B 535 5.89 -37.45 -19.75
CA GLN B 535 6.61 -38.54 -19.09
C GLN B 535 5.73 -39.31 -18.11
N ILE B 536 4.42 -39.33 -18.35
CA ILE B 536 3.51 -40.11 -17.53
C ILE B 536 3.56 -41.56 -17.97
N LEU B 537 3.78 -42.47 -17.02
CA LEU B 537 3.82 -43.89 -17.28
C LEU B 537 2.56 -44.57 -16.77
N ILE B 538 2.17 -45.65 -17.43
CA ILE B 538 0.97 -46.40 -17.07
C ILE B 538 1.32 -47.88 -17.06
N ASP B 539 1.22 -48.51 -15.90
CA ASP B 539 1.44 -49.94 -15.74
C ASP B 539 0.07 -50.58 -15.48
N LYS B 540 -0.62 -50.94 -16.56
CA LYS B 540 -1.98 -51.46 -16.43
C LYS B 540 -2.03 -52.81 -15.72
N THR B 541 -0.89 -53.50 -15.58
CA THR B 541 -0.85 -54.77 -14.89
C THR B 541 -1.05 -54.59 -13.39
N SER B 542 -0.12 -53.91 -12.73
CA SER B 542 -0.22 -53.70 -11.28
C SER B 542 -0.97 -52.43 -10.91
N GLY B 543 -0.92 -51.40 -11.75
CA GLY B 543 -1.66 -50.17 -11.52
C GLY B 543 -0.83 -48.96 -11.17
N LYS B 544 0.47 -48.98 -11.39
CA LYS B 544 1.33 -47.84 -11.05
C LYS B 544 1.14 -46.73 -12.07
N VAL B 545 0.28 -45.77 -11.74
CA VAL B 545 0.08 -44.59 -12.56
C VAL B 545 1.09 -43.55 -12.11
N THR B 546 2.23 -43.49 -12.80
CA THR B 546 3.33 -42.62 -12.42
C THR B 546 3.14 -41.22 -12.98
N ILE B 547 3.24 -40.22 -12.12
CA ILE B 547 3.16 -38.82 -12.52
C ILE B 547 4.38 -38.09 -11.98
N PRO B 548 5.37 -37.80 -12.80
CA PRO B 548 6.56 -37.08 -12.32
C PRO B 548 6.30 -35.58 -12.24
N LEU B 549 7.11 -34.93 -11.41
CA LEU B 549 7.03 -33.49 -11.21
C LEU B 549 8.15 -32.79 -11.98
N ASN B 550 7.87 -31.57 -12.41
CA ASN B 550 8.80 -30.82 -13.26
C ASN B 550 9.88 -30.13 -12.43
N GLU B 551 9.62 -28.91 -11.97
CA GLU B 551 10.59 -28.12 -11.24
C GLU B 551 10.41 -28.34 -9.75
N ILE B 552 11.42 -28.95 -9.11
CA ILE B 552 11.39 -29.21 -7.67
C ILE B 552 12.80 -29.61 -7.23
N HIS B 553 13.15 -29.29 -5.98
CA HIS B 553 14.45 -29.64 -5.41
C HIS B 553 14.24 -30.83 -4.48
N VAL B 554 14.61 -32.02 -4.95
CA VAL B 554 14.41 -33.26 -4.19
C VAL B 554 15.70 -33.62 -3.49
N PHE B 555 15.60 -33.91 -2.19
CA PHE B 555 16.74 -34.31 -1.38
C PHE B 555 16.30 -35.38 -0.39
N GLY B 556 17.16 -36.38 -0.18
CA GLY B 556 16.82 -37.44 0.74
C GLY B 556 15.71 -38.34 0.19
N GLU B 557 15.17 -39.15 1.10
CA GLU B 557 14.08 -40.07 0.79
C GLU B 557 12.80 -39.62 1.50
N SER B 558 11.69 -39.67 0.78
CA SER B 558 10.40 -39.23 1.29
C SER B 558 9.29 -40.13 0.75
N LEU B 559 8.17 -40.17 1.49
CA LEU B 559 7.07 -41.08 1.17
C LEU B 559 5.82 -40.50 1.85
N ILE B 560 5.28 -39.45 1.22
CA ILE B 560 4.03 -38.82 1.66
C ILE B 560 2.89 -39.50 0.94
N GLU B 561 1.85 -39.86 1.68
CA GLU B 561 0.72 -40.60 1.15
C GLU B 561 -0.51 -39.72 1.04
N GLY B 562 -1.41 -40.08 0.12
CA GLY B 562 -2.63 -39.34 -0.08
C GLY B 562 -3.67 -40.12 -0.85
N ASN B 563 -4.41 -39.45 -1.73
CA ASN B 563 -5.44 -40.09 -2.54
C ASN B 563 -5.71 -39.19 -3.75
N ALA B 564 -6.70 -39.58 -4.56
CA ALA B 564 -7.06 -38.83 -5.76
C ALA B 564 -8.56 -38.99 -6.00
N GLU B 565 -9.05 -38.34 -7.06
CA GLU B 565 -10.46 -38.38 -7.43
C GLU B 565 -10.57 -38.37 -8.93
N LEU B 566 -11.25 -39.36 -9.50
CA LEU B 566 -11.39 -39.51 -10.93
C LEU B 566 -12.82 -39.20 -11.38
N LYS B 567 -12.93 -38.66 -12.59
CA LYS B 567 -14.21 -38.24 -13.16
C LYS B 567 -14.17 -38.46 -14.66
N PRO B 568 -15.33 -38.63 -15.31
CA PRO B 568 -15.34 -38.82 -16.75
C PRO B 568 -15.09 -37.51 -17.49
N VAL B 569 -14.66 -37.65 -18.74
CA VAL B 569 -14.26 -36.48 -19.52
C VAL B 569 -15.50 -35.71 -19.95
N GLY B 570 -15.56 -34.44 -19.55
CA GLY B 570 -16.58 -33.54 -20.05
C GLY B 570 -17.98 -33.80 -19.53
N ILE B 571 -18.27 -35.05 -19.18
CA ILE B 571 -19.55 -35.40 -18.58
C ILE B 571 -19.68 -34.63 -17.28
N SER B 572 -20.53 -33.59 -17.30
CA SER B 572 -20.65 -32.61 -16.22
C SER B 572 -20.56 -33.24 -14.84
N ASP B 573 -21.46 -34.19 -14.56
CA ASP B 573 -21.43 -34.96 -13.33
C ASP B 573 -21.44 -36.45 -13.66
N ALA B 574 -21.09 -37.23 -12.64
CA ALA B 574 -21.10 -38.68 -12.63
C ALA B 574 -20.59 -39.10 -11.26
N ASP B 575 -20.64 -40.41 -10.98
CA ASP B 575 -20.15 -40.97 -9.73
C ASP B 575 -18.69 -40.59 -9.52
N PRO B 576 -18.39 -39.77 -8.51
CA PRO B 576 -16.99 -39.47 -8.22
C PRO B 576 -16.41 -40.44 -7.20
N ILE B 577 -15.60 -41.38 -7.67
CA ILE B 577 -14.98 -42.38 -6.80
C ILE B 577 -13.53 -41.99 -6.60
N ASN B 578 -13.08 -42.05 -5.35
CA ASN B 578 -11.71 -41.69 -5.00
C ASN B 578 -10.86 -42.94 -4.88
N VAL B 579 -9.59 -42.81 -5.27
CA VAL B 579 -8.65 -43.92 -5.24
C VAL B 579 -7.44 -43.48 -4.43
N LYS B 580 -6.65 -44.48 -4.01
CA LYS B 580 -5.44 -44.20 -3.25
C LYS B 580 -4.35 -43.64 -4.15
N ALA B 581 -3.54 -42.73 -3.58
CA ALA B 581 -2.42 -42.14 -4.29
C ALA B 581 -1.27 -41.98 -3.31
N LYS B 582 -0.07 -41.78 -3.85
CA LYS B 582 1.14 -41.73 -3.04
C LYS B 582 2.18 -40.87 -3.74
N LEU B 583 2.88 -40.05 -2.95
CA LEU B 583 3.90 -39.13 -3.44
C LEU B 583 5.26 -39.60 -2.96
N ILE B 584 6.18 -39.81 -3.91
CA ILE B 584 7.50 -40.37 -3.62
C ILE B 584 8.57 -39.36 -4.01
N GLY B 585 9.69 -39.39 -3.29
CA GLY B 585 10.85 -38.60 -3.62
C GLY B 585 12.13 -39.42 -3.59
N GLU B 586 12.60 -39.87 -4.75
CA GLU B 586 13.75 -40.74 -4.86
C GLU B 586 14.82 -40.11 -5.74
N ALA B 587 16.07 -40.16 -5.27
CA ALA B 587 17.26 -39.86 -6.06
C ALA B 587 17.11 -38.56 -6.86
N ASN B 588 16.90 -37.47 -6.12
CA ASN B 588 16.78 -36.13 -6.70
C ASN B 588 15.63 -36.05 -7.70
N LYS B 589 14.55 -36.78 -7.45
CA LYS B 589 13.38 -36.75 -8.31
C LYS B 589 12.13 -37.03 -7.48
N ALA B 590 11.04 -36.34 -7.84
CA ALA B 590 9.75 -36.50 -7.18
C ALA B 590 8.72 -36.99 -8.18
N ARG B 591 7.84 -37.87 -7.73
CA ARG B 591 6.81 -38.45 -8.60
C ARG B 591 5.64 -38.90 -7.75
N VAL B 592 4.45 -38.87 -8.35
CA VAL B 592 3.22 -39.32 -7.70
C VAL B 592 2.80 -40.63 -8.36
N GLU B 593 2.48 -41.62 -7.55
CA GLU B 593 2.05 -42.92 -8.03
C GLU B 593 0.62 -43.18 -7.57
N VAL B 594 -0.30 -43.27 -8.51
CA VAL B 594 -1.71 -43.53 -8.23
C VAL B 594 -1.93 -45.03 -8.18
N LEU B 595 -2.91 -45.46 -7.38
CA LEU B 595 -3.15 -46.88 -7.13
C LEU B 595 -4.58 -47.22 -7.54
N LEU B 596 -4.70 -48.06 -8.58
CA LEU B 596 -6.00 -48.58 -8.99
C LEU B 596 -5.98 -50.10 -9.01
N GLY B 597 -5.67 -50.71 -7.85
CA GLY B 597 -5.57 -52.16 -7.78
C GLY B 597 -6.84 -52.87 -8.18
N ASP B 598 -7.99 -52.28 -7.86
CA ASP B 598 -9.29 -52.82 -8.27
C ASP B 598 -9.83 -51.98 -9.42
N GLU B 599 -9.22 -52.17 -10.59
CA GLU B 599 -9.60 -51.40 -11.77
C GLU B 599 -11.02 -51.76 -12.21
N LYS B 600 -11.81 -50.72 -12.49
CA LYS B 600 -13.18 -50.91 -12.97
C LYS B 600 -13.64 -49.72 -13.82
N LEU B 601 -12.70 -49.01 -14.42
CA LEU B 601 -12.97 -47.82 -15.20
C LEU B 601 -12.74 -48.10 -16.69
N SER B 602 -13.22 -47.18 -17.53
CA SER B 602 -13.05 -47.32 -18.97
C SER B 602 -13.22 -45.96 -19.62
N GLY B 603 -12.31 -45.62 -20.52
CA GLY B 603 -12.32 -44.35 -21.22
C GLY B 603 -11.30 -43.39 -20.65
N GLU B 604 -11.36 -42.15 -21.14
CA GLU B 604 -10.50 -41.09 -20.64
C GLU B 604 -11.10 -40.50 -19.37
N TYR B 605 -10.23 -40.19 -18.40
CA TYR B 605 -10.68 -39.78 -17.07
C TYR B 605 -9.86 -38.61 -16.56
N HIS B 606 -10.51 -37.79 -15.73
CA HIS B 606 -9.83 -36.69 -15.05
C HIS B 606 -9.11 -37.21 -13.81
N LEU B 607 -7.87 -36.75 -13.60
CA LEU B 607 -7.10 -37.12 -12.42
C LEU B 607 -6.82 -35.85 -11.63
N VAL B 608 -7.32 -35.80 -10.40
CA VAL B 608 -7.11 -34.67 -9.49
C VAL B 608 -6.38 -35.22 -8.27
N THR B 609 -5.08 -34.95 -8.18
CA THR B 609 -4.30 -35.40 -7.04
C THR B 609 -4.77 -34.69 -5.77
N ASN B 610 -4.43 -35.28 -4.63
CA ASN B 610 -4.85 -34.74 -3.34
C ASN B 610 -3.92 -35.16 -2.23
N ILE B 611 -2.71 -34.60 -2.20
CA ILE B 611 -1.72 -34.91 -1.19
C ILE B 611 -1.85 -33.91 -0.05
N GLN B 612 -2.02 -34.41 1.17
CA GLN B 612 -2.13 -33.59 2.37
C GLN B 612 -3.27 -32.58 2.26
N GLY B 613 -4.38 -33.01 1.66
CA GLY B 613 -5.54 -32.17 1.56
C GLY B 613 -5.39 -30.97 0.65
N LYS B 614 -4.53 -31.07 -0.37
CA LYS B 614 -4.29 -29.97 -1.30
C LYS B 614 -4.35 -30.53 -2.73
N LYS B 615 -5.43 -30.22 -3.43
CA LYS B 615 -5.59 -30.64 -4.81
C LYS B 615 -4.72 -29.80 -5.73
N ASP B 616 -4.76 -30.10 -7.02
CA ASP B 616 -3.97 -29.38 -8.02
C ASP B 616 -4.88 -28.85 -9.12
N LYS B 617 -4.32 -27.97 -9.94
CA LYS B 617 -4.99 -27.41 -11.11
C LYS B 617 -4.20 -27.73 -12.38
N GLN B 618 -3.60 -28.91 -12.43
CA GLN B 618 -2.73 -29.28 -13.54
C GLN B 618 -3.49 -29.90 -14.72
N GLN B 619 -4.79 -30.16 -14.57
CA GLN B 619 -5.62 -30.69 -15.65
C GLN B 619 -5.04 -32.02 -16.16
N ILE B 620 -4.94 -32.98 -15.25
CA ILE B 620 -4.39 -34.29 -15.58
C ILE B 620 -5.52 -35.16 -16.14
N LYS B 621 -5.55 -35.29 -17.46
CA LYS B 621 -6.49 -36.17 -18.14
C LYS B 621 -5.80 -37.51 -18.41
N ILE B 622 -6.37 -38.58 -17.89
CA ILE B 622 -5.80 -39.92 -18.05
C ILE B 622 -6.73 -40.72 -18.95
N THR B 623 -6.15 -41.66 -19.71
CA THR B 623 -6.89 -42.48 -20.67
C THR B 623 -6.65 -43.95 -20.35
N LEU B 624 -7.43 -44.50 -19.42
CA LEU B 624 -7.37 -45.92 -19.11
C LEU B 624 -8.77 -46.52 -18.93
CL CL C . -5.31 15.86 0.55
#